data_6TW8
#
_entry.id   6TW8
#
_cell.length_a   53.020
_cell.length_b   89.820
_cell.length_c   97.180
_cell.angle_alpha   90.000
_cell.angle_beta   104.270
_cell.angle_gamma   90.000
#
_symmetry.space_group_name_H-M   'P 1 21 1'
#
loop_
_entity.id
_entity.type
_entity.pdbx_description
1 polymer 'Glycylpeptide N-tetradecanoyltransferase'
2 non-polymer TETRADECANOYL-COA
3 non-polymer 1-[5-[4-fluoranyl-2-[2-(1,3,5-trimethylpyrazol-4-yl)ethoxy]phenyl]-2~{H}-indazol-3-yl]-~{N},~{N}-dimethyl-methanamine
4 non-polymer 'MAGNESIUM ION'
5 water water
#
_entity_poly.entity_id   1
_entity_poly.type   'polypeptide(L)'
_entity_poly.pdbx_seq_one_letter_code
;NPSNSDAAHAFWSTQPVPQTEDETEKIVFAGPMDEPKTVADIPEEPYPIASTFEWWTPNMEAADDIHAIYELLRDNYVED
DDSMFRFNYSEEFLQWALCPPNYIPDWHVAVRRKADKKLLAFIAGVPVTLRMGTPKYMKVKAQEKGEGEEAAKYDEPRHI
CEINFLCVHKQLREKRLAPILIKEATRRVNRTNVWQAVYTAGVLLPTPYASGQYFHRSLNPEKLVEIRFSGIPAQYQKFQ
NPMAMLKRNYQLPSAPKNSGLREMKPSDVPQVRRILMNYLDSFDVGPVFSDAEISHYLLPRDGVVFTYVVENDKKVTDFF
SFYRIPSTVIGNSNYNLLNAAYVHYYAATSIPLHQLILDLLIVAHSRGFDVCNMVEILDNRSFVEQLKFGAGDGHLRYYF
YNWAYPKIKPSQVALVML
;
_entity_poly.pdbx_strand_id   AAA,CCC
#
# COMPACT_ATOMS: atom_id res chain seq x y z
N ALA A 8 -35.77 -17.58 -10.64
CA ALA A 8 -34.28 -17.53 -10.83
C ALA A 8 -33.68 -16.42 -9.96
N HIS A 9 -34.53 -15.52 -9.46
CA HIS A 9 -34.03 -14.47 -8.57
C HIS A 9 -34.87 -14.47 -7.28
N ALA A 10 -34.45 -15.27 -6.29
CA ALA A 10 -35.20 -15.48 -5.06
C ALA A 10 -35.36 -14.18 -4.29
N PHE A 11 -34.38 -13.26 -4.44
CA PHE A 11 -34.45 -11.96 -3.78
C PHE A 11 -35.09 -10.91 -4.70
N TRP A 12 -34.54 -10.76 -5.91
CA TRP A 12 -34.97 -9.64 -6.75
C TRP A 12 -36.39 -9.79 -7.28
N SER A 13 -36.91 -11.02 -7.37
CA SER A 13 -38.33 -11.23 -7.70
C SER A 13 -39.29 -10.65 -6.66
N THR A 14 -38.83 -10.40 -5.42
CA THR A 14 -39.65 -9.83 -4.35
C THR A 14 -39.67 -8.30 -4.32
N GLN A 15 -38.93 -7.63 -5.21
CA GLN A 15 -38.57 -6.23 -5.06
C GLN A 15 -39.27 -5.37 -6.11
N PRO A 16 -39.61 -4.08 -5.80
CA PRO A 16 -40.23 -3.18 -6.76
C PRO A 16 -39.27 -2.69 -7.84
N VAL A 17 -38.83 -3.62 -8.73
CA VAL A 17 -38.03 -3.27 -9.89
C VAL A 17 -38.61 -3.98 -11.09
N PRO A 18 -38.37 -3.49 -12.31
CA PRO A 18 -38.78 -4.22 -13.52
C PRO A 18 -38.17 -5.62 -13.52
N GLN A 19 -38.98 -6.62 -13.93
CA GLN A 19 -38.56 -8.00 -13.70
C GLN A 19 -37.93 -8.60 -14.97
N THR A 20 -38.25 -8.03 -16.13
CA THR A 20 -37.70 -8.50 -17.40
C THR A 20 -37.36 -7.34 -18.32
N GLU A 21 -36.46 -7.64 -19.27
CA GLU A 21 -36.04 -6.74 -20.31
C GLU A 21 -37.26 -6.26 -21.08
N ASP A 22 -38.16 -7.21 -21.40
CA ASP A 22 -39.36 -6.91 -22.17
C ASP A 22 -40.18 -5.87 -21.41
N GLU A 23 -40.27 -6.03 -20.09
CA GLU A 23 -40.99 -5.08 -19.26
C GLU A 23 -40.42 -3.67 -19.47
N THR A 24 -39.09 -3.55 -19.43
CA THR A 24 -38.37 -2.29 -19.51
C THR A 24 -38.57 -1.65 -20.88
N GLU A 25 -38.65 -2.50 -21.92
CA GLU A 25 -38.81 -2.01 -23.28
C GLU A 25 -40.20 -1.40 -23.48
N LYS A 26 -41.19 -1.84 -22.70
CA LYS A 26 -42.57 -1.41 -22.87
C LYS A 26 -42.90 -0.20 -21.99
N ILE A 27 -42.04 0.13 -21.02
CA ILE A 27 -42.34 1.24 -20.13
C ILE A 27 -42.35 2.52 -20.97
N VAL A 28 -43.41 3.31 -20.82
CA VAL A 28 -43.54 4.56 -21.57
C VAL A 28 -43.42 5.82 -20.70
N PHE A 29 -43.79 5.77 -19.42
CA PHE A 29 -43.60 6.94 -18.56
C PHE A 29 -42.74 6.55 -17.36
N ALA A 30 -41.94 7.50 -16.92
CA ALA A 30 -41.26 7.43 -15.65
C ALA A 30 -42.28 7.46 -14.51
N GLY A 31 -42.01 6.70 -13.43
CA GLY A 31 -42.89 6.75 -12.29
C GLY A 31 -42.60 5.62 -11.31
N PRO A 32 -43.15 5.69 -10.07
CA PRO A 32 -42.86 4.68 -9.04
C PRO A 32 -43.44 3.30 -9.39
N MET A 33 -42.93 2.26 -8.73
CA MET A 33 -43.50 0.96 -9.03
C MET A 33 -44.32 0.41 -7.88
N ASP A 34 -43.89 0.71 -6.64
CA ASP A 34 -44.40 0.08 -5.44
C ASP A 34 -45.69 0.79 -5.00
N GLU A 35 -46.37 0.20 -4.01
CA GLU A 35 -47.50 0.86 -3.38
C GLU A 35 -46.99 2.15 -2.72
N PRO A 36 -47.76 3.25 -2.72
CA PRO A 36 -47.32 4.49 -2.05
C PRO A 36 -47.36 4.19 -0.55
N LYS A 37 -46.43 4.77 0.19
CA LYS A 37 -46.32 4.51 1.62
CA LYS A 37 -46.36 4.52 1.62
C LYS A 37 -45.94 5.81 2.32
N THR A 38 -46.15 5.85 3.64
CA THR A 38 -45.70 6.92 4.53
C THR A 38 -44.55 6.36 5.39
N VAL A 39 -43.84 7.25 6.10
CA VAL A 39 -42.79 6.84 7.02
C VAL A 39 -43.35 5.94 8.13
N ALA A 40 -44.58 6.28 8.55
CA ALA A 40 -45.22 5.57 9.67
C ALA A 40 -45.47 4.12 9.29
N ASP A 41 -45.49 3.82 7.98
CA ASP A 41 -45.72 2.47 7.52
C ASP A 41 -44.45 1.64 7.70
N ILE A 42 -43.31 2.31 7.83
CA ILE A 42 -42.03 1.59 7.82
C ILE A 42 -41.59 1.32 9.25
N PRO A 43 -41.11 0.09 9.59
CA PRO A 43 -40.66 -0.22 10.96
C PRO A 43 -39.43 0.55 11.44
N GLU A 44 -39.47 0.95 12.72
CA GLU A 44 -38.32 1.56 13.37
CA GLU A 44 -38.39 1.56 13.47
C GLU A 44 -37.37 0.49 13.85
N GLU A 45 -37.84 -0.73 14.03
CA GLU A 45 -36.92 -1.76 14.48
C GLU A 45 -36.07 -2.20 13.30
N PRO A 46 -34.73 -2.36 13.42
CA PRO A 46 -33.92 -2.82 12.30
C PRO A 46 -34.36 -4.17 11.76
N TYR A 47 -33.94 -4.50 10.54
CA TYR A 47 -34.33 -5.76 9.92
C TYR A 47 -33.72 -6.89 10.73
N PRO A 48 -34.44 -8.00 11.00
CA PRO A 48 -33.86 -9.15 11.72
C PRO A 48 -32.58 -9.69 11.06
N ILE A 49 -31.60 -10.00 11.88
CA ILE A 49 -30.35 -10.63 11.43
C ILE A 49 -29.92 -11.62 12.52
N ALA A 50 -29.17 -12.67 12.15
CA ALA A 50 -28.85 -13.75 13.07
C ALA A 50 -28.13 -13.21 14.30
N SER A 51 -28.39 -13.88 15.44
CA SER A 51 -27.92 -13.44 16.74
C SER A 51 -26.40 -13.33 16.88
N THR A 52 -25.62 -13.99 16.01
CA THR A 52 -24.17 -13.86 16.11
C THR A 52 -23.68 -12.59 15.42
N PHE A 53 -24.60 -11.86 14.79
CA PHE A 53 -24.23 -10.66 14.06
C PHE A 53 -24.96 -9.45 14.65
N GLU A 54 -24.49 -8.25 14.31
CA GLU A 54 -25.12 -7.02 14.76
C GLU A 54 -24.97 -5.96 13.68
N TRP A 55 -26.01 -5.12 13.53
CA TRP A 55 -25.93 -3.88 12.77
C TRP A 55 -24.95 -2.93 13.45
N TRP A 56 -24.24 -2.17 12.62
CA TRP A 56 -23.34 -1.12 13.08
C TRP A 56 -23.40 0.01 12.06
N THR A 57 -23.49 1.25 12.56
CA THR A 57 -23.43 2.43 11.72
C THR A 57 -22.08 3.09 11.94
N PRO A 58 -21.08 2.83 11.07
CA PRO A 58 -19.74 3.37 11.28
C PRO A 58 -19.86 4.90 11.26
N ASN A 59 -18.99 5.55 12.02
CA ASN A 59 -18.85 7.01 11.88
C ASN A 59 -17.80 7.16 10.78
N MET A 60 -18.19 7.66 9.61
CA MET A 60 -17.33 7.74 8.39
C MET A 60 -16.23 8.82 8.46
N GLU A 61 -16.27 9.60 9.53
CA GLU A 61 -15.21 10.59 9.89
CA GLU A 61 -15.19 10.58 9.87
C GLU A 61 -14.25 10.21 11.07
N ALA A 62 -14.58 9.04 11.67
CA ALA A 62 -13.76 8.48 12.72
C ALA A 62 -12.64 7.65 12.09
N ALA A 63 -11.40 7.84 12.54
CA ALA A 63 -10.23 7.25 11.91
C ALA A 63 -10.32 5.73 11.90
N ASP A 64 -10.68 5.14 13.03
CA ASP A 64 -10.72 3.69 13.15
C ASP A 64 -11.85 3.09 12.29
N ASP A 65 -13.01 3.75 12.21
CA ASP A 65 -14.12 3.21 11.43
C ASP A 65 -13.73 3.22 9.94
N ILE A 66 -13.23 4.37 9.45
CA ILE A 66 -12.89 4.47 8.04
C ILE A 66 -11.85 3.39 7.72
N HIS A 67 -10.92 3.17 8.65
CA HIS A 67 -9.88 2.16 8.43
C HIS A 67 -10.48 0.76 8.35
N ALA A 68 -11.47 0.45 9.21
CA ALA A 68 -12.20 -0.82 9.15
C ALA A 68 -12.83 -1.02 7.77
N ILE A 69 -13.62 -0.02 7.32
CA ILE A 69 -14.26 -0.08 6.01
C ILE A 69 -13.19 -0.26 4.91
N TYR A 70 -12.15 0.59 4.90
CA TYR A 70 -11.09 0.49 3.91
C TYR A 70 -10.56 -0.95 3.77
N GLU A 71 -10.29 -1.63 4.90
CA GLU A 71 -9.69 -2.95 4.80
C GLU A 71 -10.66 -4.02 4.27
N LEU A 72 -11.94 -3.93 4.67
CA LEU A 72 -12.96 -4.84 4.12
C LEU A 72 -12.97 -4.70 2.60
N LEU A 73 -13.05 -3.47 2.09
CA LEU A 73 -13.11 -3.29 0.65
C LEU A 73 -11.80 -3.69 -0.04
N ARG A 74 -10.66 -3.32 0.55
CA ARG A 74 -9.36 -3.63 -0.04
C ARG A 74 -9.29 -5.14 -0.28
N ASP A 75 -9.77 -5.93 0.70
CA ASP A 75 -9.63 -7.38 0.65
C ASP A 75 -10.80 -8.08 -0.05
N ASN A 76 -11.95 -7.41 -0.15
CA ASN A 76 -13.17 -8.15 -0.57
C ASN A 76 -14.08 -7.41 -1.55
N TYR A 77 -13.64 -6.30 -2.14
CA TYR A 77 -14.51 -5.52 -3.06
C TYR A 77 -14.40 -6.07 -4.51
N VAL A 78 -14.93 -5.32 -5.45
CA VAL A 78 -15.04 -5.64 -6.90
C VAL A 78 -13.70 -6.03 -7.51
N GLU A 79 -13.75 -7.18 -8.17
CA GLU A 79 -12.68 -7.62 -9.05
C GLU A 79 -13.14 -7.50 -10.51
N ASP A 80 -12.19 -7.37 -11.44
CA ASP A 80 -12.55 -7.30 -12.85
C ASP A 80 -13.07 -8.66 -13.32
N ASP A 81 -13.64 -8.70 -14.53
CA ASP A 81 -14.25 -9.89 -15.09
C ASP A 81 -13.26 -11.06 -15.17
N ASP A 82 -11.95 -10.79 -15.16
CA ASP A 82 -10.93 -11.84 -15.26
C ASP A 82 -10.24 -12.15 -13.93
N SER A 83 -10.72 -11.60 -12.81
CA SER A 83 -10.21 -11.88 -11.47
C SER A 83 -8.70 -11.58 -11.31
N MET A 84 -8.21 -10.53 -11.99
CA MET A 84 -6.79 -10.21 -11.93
CA MET A 84 -6.80 -10.18 -11.99
C MET A 84 -6.55 -8.97 -11.09
N PHE A 85 -7.57 -8.11 -10.98
CA PHE A 85 -7.46 -6.82 -10.31
C PHE A 85 -8.61 -6.64 -9.31
N ARG A 86 -8.39 -5.84 -8.26
CA ARG A 86 -9.43 -5.59 -7.27
C ARG A 86 -9.38 -4.13 -6.85
N PHE A 87 -10.55 -3.43 -6.77
CA PHE A 87 -10.44 -2.02 -6.45
C PHE A 87 -9.84 -1.82 -5.06
N ASN A 88 -9.02 -0.77 -4.91
CA ASN A 88 -8.40 -0.42 -3.63
C ASN A 88 -8.67 1.05 -3.31
N TYR A 89 -9.95 1.43 -3.10
CA TYR A 89 -10.24 2.82 -2.83
C TYR A 89 -9.52 3.26 -1.56
N SER A 90 -9.00 4.48 -1.60
CA SER A 90 -8.26 4.96 -0.45
C SER A 90 -9.21 5.39 0.67
N GLU A 91 -8.72 5.50 1.91
CA GLU A 91 -9.55 5.95 3.02
C GLU A 91 -10.08 7.36 2.72
N GLU A 92 -9.21 8.21 2.17
CA GLU A 92 -9.61 9.57 1.82
C GLU A 92 -10.68 9.57 0.73
N PHE A 93 -10.60 8.62 -0.21
CA PHE A 93 -11.60 8.55 -1.29
C PHE A 93 -12.96 8.19 -0.72
N LEU A 94 -12.98 7.18 0.16
CA LEU A 94 -14.17 6.72 0.85
C LEU A 94 -14.82 7.89 1.60
N GLN A 95 -14.04 8.69 2.36
CA GLN A 95 -14.67 9.77 3.10
CA GLN A 95 -14.60 9.81 3.11
C GLN A 95 -15.22 10.82 2.14
N TRP A 96 -14.54 11.02 0.98
CA TRP A 96 -15.04 11.93 -0.05
C TRP A 96 -16.36 11.41 -0.65
N ALA A 97 -16.35 10.14 -1.05
CA ALA A 97 -17.49 9.56 -1.75
C ALA A 97 -18.70 9.43 -0.82
N LEU A 98 -18.48 9.19 0.48
CA LEU A 98 -19.57 8.80 1.36
C LEU A 98 -20.11 9.97 2.19
N CYS A 99 -19.39 11.09 2.22
CA CYS A 99 -19.78 12.19 3.09
C CYS A 99 -19.99 13.48 2.33
N PRO A 100 -20.76 13.44 1.22
CA PRO A 100 -21.04 14.67 0.47
C PRO A 100 -21.92 15.60 1.31
N PRO A 101 -22.21 16.83 0.85
CA PRO A 101 -23.13 17.71 1.58
C PRO A 101 -24.50 17.11 1.93
N ASN A 102 -24.86 17.31 3.20
CA ASN A 102 -26.11 16.83 3.75
CA ASN A 102 -26.04 16.81 3.87
C ASN A 102 -26.22 15.30 3.70
N TYR A 103 -25.11 14.57 3.71
CA TYR A 103 -25.19 13.12 3.76
C TYR A 103 -25.83 12.68 5.08
N ILE A 104 -26.39 11.48 5.08
CA ILE A 104 -27.10 10.96 6.22
C ILE A 104 -26.27 9.83 6.82
N PRO A 105 -25.71 10.02 8.03
CA PRO A 105 -24.84 8.98 8.60
C PRO A 105 -25.50 7.60 8.70
N ASP A 106 -26.83 7.59 8.93
CA ASP A 106 -27.63 6.38 9.14
C ASP A 106 -27.67 5.54 7.85
N TRP A 107 -27.37 6.15 6.69
CA TRP A 107 -27.37 5.41 5.42
C TRP A 107 -26.08 4.62 5.17
N HIS A 108 -25.15 4.64 6.12
CA HIS A 108 -23.92 3.87 6.08
C HIS A 108 -24.07 2.63 6.96
N VAL A 109 -24.26 1.47 6.35
CA VAL A 109 -24.75 0.32 7.10
C VAL A 109 -23.69 -0.77 7.11
N ALA A 110 -23.38 -1.31 8.31
CA ALA A 110 -22.41 -2.40 8.34
C ALA A 110 -22.96 -3.57 9.16
N VAL A 111 -22.38 -4.76 8.92
CA VAL A 111 -22.64 -5.91 9.76
C VAL A 111 -21.29 -6.31 10.36
N ARG A 112 -21.29 -6.51 11.69
CA ARG A 112 -20.16 -7.03 12.45
C ARG A 112 -20.55 -8.35 13.11
N ARG A 113 -19.58 -9.25 13.22
CA ARG A 113 -19.73 -10.41 14.10
C ARG A 113 -19.61 -9.92 15.54
N LYS A 114 -20.58 -10.27 16.40
CA LYS A 114 -20.64 -9.78 17.77
CA LYS A 114 -20.65 -9.76 17.77
C LYS A 114 -19.41 -10.20 18.56
N ALA A 115 -18.96 -11.46 18.40
CA ALA A 115 -17.98 -12.05 19.31
C ALA A 115 -16.61 -11.39 19.25
N ASP A 116 -16.18 -10.95 18.06
CA ASP A 116 -14.84 -10.39 17.89
C ASP A 116 -14.89 -9.07 17.13
N LYS A 117 -16.11 -8.57 16.88
CA LYS A 117 -16.33 -7.28 16.26
CA LYS A 117 -16.34 -7.28 16.25
C LYS A 117 -15.72 -7.22 14.86
N LYS A 118 -15.53 -8.39 14.21
CA LYS A 118 -15.04 -8.45 12.84
C LYS A 118 -16.12 -7.88 11.91
N LEU A 119 -15.73 -6.92 11.06
CA LEU A 119 -16.59 -6.35 10.05
C LEU A 119 -16.78 -7.36 8.92
N LEU A 120 -18.05 -7.73 8.62
CA LEU A 120 -18.35 -8.81 7.71
C LEU A 120 -18.97 -8.25 6.42
N ALA A 121 -19.53 -7.04 6.44
CA ALA A 121 -20.31 -6.57 5.31
C ALA A 121 -20.58 -5.07 5.40
N PHE A 122 -20.85 -4.44 4.24
CA PHE A 122 -21.11 -3.00 4.14
C PHE A 122 -22.06 -2.65 2.98
N ILE A 123 -22.82 -1.56 3.15
CA ILE A 123 -23.49 -0.96 2.01
C ILE A 123 -23.65 0.52 2.38
N ALA A 124 -23.59 1.43 1.41
CA ALA A 124 -23.75 2.84 1.71
C ALA A 124 -24.71 3.48 0.70
N GLY A 125 -25.60 4.31 1.22
CA GLY A 125 -26.33 5.27 0.43
C GLY A 125 -25.87 6.69 0.70
N VAL A 126 -25.91 7.52 -0.33
CA VAL A 126 -25.71 8.96 -0.16
C VAL A 126 -26.81 9.70 -0.92
N PRO A 127 -27.16 10.94 -0.54
CA PRO A 127 -28.20 11.71 -1.23
C PRO A 127 -27.71 12.07 -2.61
N VAL A 128 -28.65 12.09 -3.57
CA VAL A 128 -28.40 12.67 -4.86
C VAL A 128 -29.69 13.35 -5.32
N THR A 129 -29.56 14.53 -5.97
CA THR A 129 -30.71 15.12 -6.64
C THR A 129 -30.67 14.72 -8.11
N LEU A 130 -31.67 13.96 -8.58
CA LEU A 130 -31.48 13.40 -9.92
C LEU A 130 -32.68 13.75 -10.80
N ARG A 131 -32.41 14.16 -12.06
CA ARG A 131 -33.47 14.25 -13.05
C ARG A 131 -33.71 12.84 -13.58
N MET A 132 -34.94 12.35 -13.46
CA MET A 132 -35.25 10.98 -13.83
C MET A 132 -36.69 10.90 -14.35
N GLY A 133 -37.11 11.98 -15.05
CA GLY A 133 -38.43 12.01 -15.67
C GLY A 133 -38.39 11.37 -17.06
N THR A 134 -39.55 11.23 -17.69
CA THR A 134 -39.71 10.52 -18.94
C THR A 134 -38.74 11.07 -19.99
N PRO A 135 -38.01 10.20 -20.70
CA PRO A 135 -37.04 10.65 -21.70
C PRO A 135 -37.60 11.48 -22.85
N LYS A 136 -36.64 11.95 -23.66
CA LYS A 136 -36.85 12.76 -24.86
C LYS A 136 -37.58 11.95 -25.92
N TYR A 137 -37.06 10.74 -26.23
CA TYR A 137 -37.64 9.85 -27.25
C TYR A 137 -39.03 9.34 -26.85
N MET A 138 -39.34 9.39 -25.55
CA MET A 138 -40.58 8.85 -25.04
CA MET A 138 -40.58 8.85 -25.03
C MET A 138 -41.63 9.96 -24.92
N LYS A 139 -41.18 11.22 -24.89
CA LYS A 139 -42.11 12.34 -24.75
C LYS A 139 -42.78 12.66 -26.07
N VAL A 140 -42.14 12.25 -27.17
CA VAL A 140 -42.64 12.47 -28.53
C VAL A 140 -43.86 11.58 -28.74
N LYS A 141 -43.67 10.28 -28.48
CA LYS A 141 -44.69 9.27 -28.70
C LYS A 141 -45.94 9.57 -27.88
N ALA A 142 -45.76 10.15 -26.68
CA ALA A 142 -46.87 10.40 -25.75
C ALA A 142 -47.55 11.73 -26.07
N GLN A 143 -46.90 12.54 -26.91
CA GLN A 143 -47.51 13.77 -27.42
C GLN A 143 -48.53 13.43 -28.50
N GLU A 144 -48.10 12.68 -29.53
CA GLU A 144 -48.99 12.16 -30.57
C GLU A 144 -50.24 11.57 -29.92
N LYS A 145 -50.02 10.76 -28.88
CA LYS A 145 -51.06 10.05 -28.15
C LYS A 145 -51.81 10.99 -27.22
N GLY A 146 -51.25 12.19 -27.00
CA GLY A 146 -51.84 13.29 -26.18
C GLY A 146 -51.74 13.10 -24.67
N GLU A 147 -51.06 12.04 -24.19
CA GLU A 147 -50.93 11.67 -22.74
C GLU A 147 -49.77 12.42 -22.06
N GLY A 148 -49.53 13.66 -22.48
CA GLY A 148 -48.38 14.46 -22.01
C GLY A 148 -48.34 14.67 -20.51
N GLU A 149 -49.50 14.82 -19.85
CA GLU A 149 -49.48 15.06 -18.39
C GLU A 149 -48.90 13.89 -17.61
N GLU A 150 -49.22 12.65 -17.98
CA GLU A 150 -48.72 11.49 -17.26
C GLU A 150 -47.20 11.43 -17.47
N ALA A 151 -46.78 11.78 -18.68
CA ALA A 151 -45.41 11.65 -19.11
C ALA A 151 -44.54 12.71 -18.44
N ALA A 152 -45.16 13.83 -18.02
CA ALA A 152 -44.38 14.94 -17.50
C ALA A 152 -44.53 15.06 -15.99
N LYS A 153 -45.33 14.15 -15.41
CA LYS A 153 -45.68 14.17 -13.99
C LYS A 153 -44.43 14.25 -13.12
N TYR A 154 -43.36 13.50 -13.48
CA TYR A 154 -42.19 13.47 -12.61
C TYR A 154 -40.95 14.09 -13.26
N ASP A 155 -41.11 15.26 -13.88
CA ASP A 155 -40.02 15.93 -14.56
C ASP A 155 -39.08 16.62 -13.57
N GLU A 156 -39.63 17.02 -12.42
CA GLU A 156 -38.85 17.81 -11.48
C GLU A 156 -37.75 16.92 -10.89
N PRO A 157 -36.53 17.45 -10.64
CA PRO A 157 -35.45 16.63 -10.06
C PRO A 157 -35.91 16.08 -8.71
N ARG A 158 -35.51 14.85 -8.37
CA ARG A 158 -36.01 14.21 -7.17
C ARG A 158 -34.86 13.96 -6.21
N HIS A 159 -35.10 14.19 -4.91
CA HIS A 159 -34.07 13.91 -3.91
C HIS A 159 -34.12 12.42 -3.52
N ILE A 160 -33.15 11.64 -4.02
CA ILE A 160 -33.22 10.20 -3.86
C ILE A 160 -31.89 9.71 -3.24
N CYS A 161 -31.69 8.39 -3.27
CA CYS A 161 -30.53 7.73 -2.63
C CYS A 161 -29.67 7.14 -3.75
N GLU A 162 -28.33 7.25 -3.63
CA GLU A 162 -27.42 6.54 -4.51
CA GLU A 162 -27.39 6.57 -4.50
C GLU A 162 -26.73 5.46 -3.68
N ILE A 163 -26.86 4.18 -4.14
CA ILE A 163 -26.30 3.07 -3.38
C ILE A 163 -24.98 2.62 -4.00
N ASN A 164 -24.01 2.34 -3.14
CA ASN A 164 -22.69 1.99 -3.62
C ASN A 164 -21.99 1.25 -2.48
N PHE A 165 -20.85 0.60 -2.82
CA PHE A 165 -19.99 -0.07 -1.86
C PHE A 165 -20.63 -1.26 -1.13
N LEU A 166 -21.53 -1.99 -1.80
CA LEU A 166 -22.10 -3.19 -1.21
C LEU A 166 -21.00 -4.22 -1.24
N CYS A 167 -20.72 -4.84 -0.08
CA CYS A 167 -19.60 -5.77 -0.02
C CYS A 167 -19.91 -6.77 1.10
N VAL A 168 -19.77 -8.03 0.76
CA VAL A 168 -19.78 -9.13 1.72
C VAL A 168 -18.40 -9.78 1.71
N HIS A 169 -17.89 -9.97 2.91
CA HIS A 169 -16.60 -10.65 3.10
C HIS A 169 -16.57 -11.95 2.31
N LYS A 170 -15.42 -12.21 1.66
CA LYS A 170 -15.20 -13.38 0.83
C LYS A 170 -15.59 -14.67 1.54
N GLN A 171 -15.46 -14.69 2.88
CA GLN A 171 -15.66 -15.92 3.63
C GLN A 171 -17.14 -16.14 3.97
N LEU A 172 -18.00 -15.17 3.63
CA LEU A 172 -19.45 -15.25 3.95
C LEU A 172 -20.28 -15.18 2.66
N ARG A 173 -19.68 -15.47 1.52
CA ARG A 173 -20.36 -15.35 0.24
C ARG A 173 -21.39 -16.46 0.10
N GLU A 174 -22.48 -16.14 -0.62
CA GLU A 174 -23.51 -17.11 -1.02
C GLU A 174 -24.30 -17.60 0.19
N LYS A 175 -24.38 -16.76 1.23
CA LYS A 175 -25.16 -17.06 2.42
C LYS A 175 -26.39 -16.16 2.52
N ARG A 176 -26.70 -15.42 1.45
CA ARG A 176 -27.90 -14.60 1.38
C ARG A 176 -27.85 -13.42 2.36
N LEU A 177 -26.63 -12.93 2.61
CA LEU A 177 -26.41 -11.78 3.45
C LEU A 177 -26.65 -10.50 2.65
N ALA A 178 -26.31 -10.50 1.35
CA ALA A 178 -26.50 -9.28 0.57
C ALA A 178 -27.96 -8.82 0.56
N PRO A 179 -28.97 -9.70 0.34
CA PRO A 179 -30.37 -9.26 0.46
C PRO A 179 -30.72 -8.64 1.81
N ILE A 180 -30.09 -9.12 2.88
CA ILE A 180 -30.40 -8.55 4.18
C ILE A 180 -29.87 -7.13 4.29
N LEU A 181 -28.64 -6.87 3.78
CA LEU A 181 -28.12 -5.52 3.81
CA LEU A 181 -28.08 -5.53 3.77
C LEU A 181 -29.00 -4.60 2.96
N ILE A 182 -29.44 -5.05 1.79
CA ILE A 182 -30.26 -4.24 0.91
C ILE A 182 -31.61 -3.87 1.56
N LYS A 183 -32.26 -4.83 2.24
CA LYS A 183 -33.52 -4.57 2.91
C LYS A 183 -33.33 -3.56 4.03
N GLU A 184 -32.23 -3.68 4.77
CA GLU A 184 -32.01 -2.76 5.88
C GLU A 184 -31.69 -1.35 5.38
N ALA A 185 -30.90 -1.25 4.30
CA ALA A 185 -30.66 0.06 3.66
C ALA A 185 -31.98 0.66 3.19
N THR A 186 -32.72 -0.14 2.42
CA THR A 186 -34.03 0.33 1.98
C THR A 186 -34.85 0.89 3.15
N ARG A 187 -34.88 0.16 4.29
CA ARG A 187 -35.69 0.56 5.45
C ARG A 187 -35.19 1.90 5.98
N ARG A 188 -33.86 2.03 6.14
CA ARG A 188 -33.23 3.24 6.65
C ARG A 188 -33.60 4.43 5.76
N VAL A 189 -33.52 4.24 4.45
CA VAL A 189 -33.82 5.28 3.46
C VAL A 189 -35.31 5.66 3.52
N ASN A 190 -36.19 4.64 3.54
CA ASN A 190 -37.63 4.85 3.55
C ASN A 190 -38.02 5.63 4.81
N ARG A 191 -37.29 5.36 5.91
CA ARG A 191 -37.56 6.07 7.16
C ARG A 191 -37.38 7.59 7.01
N THR A 192 -36.63 8.04 6.00
CA THR A 192 -36.41 9.48 5.81
C THR A 192 -37.31 9.99 4.69
N ASN A 193 -38.30 9.17 4.31
CA ASN A 193 -39.29 9.55 3.32
C ASN A 193 -38.66 9.62 1.93
N VAL A 194 -37.68 8.74 1.65
CA VAL A 194 -37.18 8.65 0.30
C VAL A 194 -37.46 7.24 -0.23
N TRP A 195 -37.89 7.14 -1.49
CA TRP A 195 -38.59 5.94 -1.95
C TRP A 195 -37.92 5.32 -3.18
N GLN A 196 -36.98 6.07 -3.79
CA GLN A 196 -36.26 5.56 -4.96
C GLN A 196 -34.77 5.56 -4.66
N ALA A 197 -34.05 4.71 -5.39
CA ALA A 197 -32.59 4.76 -5.36
C ALA A 197 -32.02 4.57 -6.78
N VAL A 198 -30.75 4.99 -6.98
CA VAL A 198 -30.08 4.67 -8.24
C VAL A 198 -28.80 3.91 -7.85
N TYR A 199 -28.42 2.94 -8.70
CA TYR A 199 -27.24 2.14 -8.44
C TYR A 199 -26.66 1.63 -9.76
N THR A 200 -25.37 1.29 -9.77
CA THR A 200 -24.72 0.71 -10.92
C THR A 200 -24.05 -0.60 -10.46
N ALA A 201 -23.87 -1.55 -11.39
CA ALA A 201 -23.09 -2.74 -11.11
C ALA A 201 -22.54 -3.25 -12.43
N GLY A 202 -21.43 -4.01 -12.36
CA GLY A 202 -20.86 -4.66 -13.52
C GLY A 202 -21.55 -5.99 -13.84
N VAL A 203 -22.52 -6.40 -13.02
CA VAL A 203 -23.28 -7.63 -13.24
C VAL A 203 -24.69 -7.31 -13.73
N LEU A 204 -25.29 -8.26 -14.45
CA LEU A 204 -26.66 -8.16 -14.91
C LEU A 204 -27.63 -8.63 -13.81
N LEU A 205 -28.51 -7.70 -13.43
CA LEU A 205 -29.55 -7.93 -12.44
C LEU A 205 -30.86 -7.50 -13.07
N PRO A 206 -32.03 -7.83 -12.50
CA PRO A 206 -33.29 -7.25 -12.98
C PRO A 206 -33.42 -5.81 -12.47
N THR A 207 -33.61 -4.84 -13.36
CA THR A 207 -33.37 -4.90 -14.80
C THR A 207 -32.81 -3.52 -15.20
N PRO A 208 -31.69 -3.41 -15.95
CA PRO A 208 -31.05 -2.09 -16.16
C PRO A 208 -31.91 -1.23 -17.08
N TYR A 209 -31.86 0.09 -16.86
CA TYR A 209 -32.50 1.04 -17.78
C TYR A 209 -31.49 1.50 -18.82
N ALA A 210 -30.20 1.30 -18.53
CA ALA A 210 -29.15 1.62 -19.51
C ALA A 210 -27.96 0.73 -19.22
N SER A 211 -27.15 0.51 -20.24
CA SER A 211 -25.93 -0.26 -20.07
CA SER A 211 -25.95 -0.29 -20.09
C SER A 211 -24.86 0.29 -21.02
N GLY A 212 -23.63 0.42 -20.49
CA GLY A 212 -22.51 0.88 -21.32
C GLY A 212 -21.24 0.06 -21.05
N GLN A 213 -20.51 -0.21 -22.15
CA GLN A 213 -19.16 -0.75 -22.09
C GLN A 213 -18.21 0.26 -21.45
N TYR A 214 -17.16 -0.24 -20.78
CA TYR A 214 -16.09 0.64 -20.35
CA TYR A 214 -16.08 0.64 -20.34
C TYR A 214 -14.95 0.62 -21.37
N PHE A 215 -14.12 1.66 -21.32
CA PHE A 215 -13.05 1.90 -22.29
C PHE A 215 -11.79 2.26 -21.52
N HIS A 216 -10.62 1.89 -22.07
CA HIS A 216 -9.37 2.25 -21.41
C HIS A 216 -8.42 2.93 -22.40
N ARG A 217 -7.61 3.86 -21.88
CA ARG A 217 -6.55 4.48 -22.67
C ARG A 217 -5.24 4.28 -21.91
N SER A 218 -4.30 3.54 -22.51
CA SER A 218 -2.98 3.28 -21.97
C SER A 218 -2.19 4.59 -21.85
N LEU A 219 -1.65 4.81 -20.65
CA LEU A 219 -0.74 5.93 -20.43
C LEU A 219 0.68 5.42 -20.22
N ASN A 220 0.80 4.28 -19.52
CA ASN A 220 2.08 3.65 -19.23
CA ASN A 220 2.09 3.66 -19.26
C ASN A 220 2.02 2.20 -19.72
N PRO A 221 2.08 1.96 -21.05
CA PRO A 221 1.92 0.60 -21.60
C PRO A 221 2.86 -0.47 -21.06
N GLU A 222 4.11 -0.09 -20.77
CA GLU A 222 5.05 -1.04 -20.22
C GLU A 222 4.51 -1.69 -18.94
N LYS A 223 3.97 -0.88 -18.01
CA LYS A 223 3.51 -1.40 -16.74
C LYS A 223 2.26 -2.23 -17.00
N LEU A 224 1.40 -1.74 -17.92
CA LEU A 224 0.13 -2.39 -18.20
C LEU A 224 0.38 -3.82 -18.71
N VAL A 225 1.44 -3.98 -19.51
CA VAL A 225 1.78 -5.28 -20.06
C VAL A 225 2.35 -6.17 -18.96
N GLU A 226 3.15 -5.59 -18.09
CA GLU A 226 3.79 -6.38 -17.04
CA GLU A 226 3.80 -6.35 -17.02
C GLU A 226 2.75 -6.93 -16.07
N ILE A 227 1.69 -6.15 -15.79
CA ILE A 227 0.74 -6.62 -14.78
C ILE A 227 -0.43 -7.34 -15.45
N ARG A 228 -0.34 -7.50 -16.77
CA ARG A 228 -1.24 -8.30 -17.61
C ARG A 228 -2.59 -7.59 -17.84
N PHE A 229 -2.61 -6.25 -17.73
CA PHE A 229 -3.81 -5.48 -18.04
C PHE A 229 -3.97 -5.40 -19.55
N SER A 230 -2.82 -5.21 -20.24
CA SER A 230 -2.69 -5.17 -21.69
C SER A 230 -1.81 -6.32 -22.22
N GLY A 231 -1.95 -6.66 -23.50
CA GLY A 231 -0.90 -7.40 -24.19
C GLY A 231 -0.23 -6.57 -25.27
N ILE A 232 0.74 -7.15 -25.98
CA ILE A 232 1.39 -6.46 -27.08
C ILE A 232 0.60 -6.72 -28.37
N PRO A 233 0.25 -5.69 -29.18
CA PRO A 233 -0.40 -5.92 -30.48
C PRO A 233 0.38 -6.83 -31.44
N ALA A 234 -0.31 -7.86 -31.93
CA ALA A 234 0.22 -8.81 -32.91
C ALA A 234 1.08 -8.08 -33.93
N GLN A 235 0.53 -6.99 -34.43
CA GLN A 235 1.13 -6.17 -35.50
C GLN A 235 2.48 -5.61 -35.07
N TYR A 236 2.62 -5.34 -33.78
CA TYR A 236 3.85 -4.80 -33.22
C TYR A 236 4.83 -5.92 -32.91
N GLN A 237 4.30 -7.14 -32.67
CA GLN A 237 5.11 -8.33 -32.41
C GLN A 237 6.00 -8.65 -33.61
N LYS A 238 5.64 -8.09 -34.78
CA LYS A 238 6.31 -8.26 -36.06
C LYS A 238 7.49 -7.29 -36.22
N PHE A 239 7.95 -6.68 -35.12
CA PHE A 239 9.03 -5.71 -35.20
C PHE A 239 10.11 -6.07 -34.18
N GLN A 240 11.30 -5.48 -34.37
CA GLN A 240 12.46 -5.79 -33.54
C GLN A 240 12.23 -5.35 -32.10
N ASN A 241 11.55 -4.20 -31.92
CA ASN A 241 11.20 -3.71 -30.58
C ASN A 241 9.70 -3.49 -30.50
N PRO A 242 8.91 -4.55 -30.23
CA PRO A 242 7.45 -4.41 -30.05
C PRO A 242 7.08 -3.40 -28.97
N MET A 243 7.82 -3.39 -27.86
CA MET A 243 7.49 -2.50 -26.75
C MET A 243 7.77 -1.04 -27.10
N ALA A 244 8.84 -0.77 -27.84
CA ALA A 244 9.09 0.61 -28.23
C ALA A 244 8.00 1.10 -29.19
N MET A 245 7.49 0.21 -30.04
CA MET A 245 6.40 0.59 -30.93
C MET A 245 5.17 0.95 -30.10
N LEU A 246 4.91 0.12 -29.08
CA LEU A 246 3.71 0.28 -28.27
C LEU A 246 3.83 1.57 -27.46
N LYS A 247 4.99 1.82 -26.85
CA LYS A 247 5.24 3.08 -26.16
C LYS A 247 5.05 4.28 -27.08
N ARG A 248 5.58 4.20 -28.31
CA ARG A 248 5.47 5.33 -29.23
C ARG A 248 4.01 5.58 -29.56
N ASN A 249 3.24 4.50 -29.74
CA ASN A 249 1.83 4.64 -30.07
C ASN A 249 1.08 5.50 -29.03
N TYR A 250 1.32 5.22 -27.75
CA TYR A 250 0.56 5.85 -26.67
C TYR A 250 1.25 7.08 -26.11
N GLN A 251 2.41 7.45 -26.69
CA GLN A 251 3.19 8.57 -26.18
C GLN A 251 2.37 9.86 -26.21
N LEU A 252 2.56 10.70 -25.19
CA LEU A 252 1.87 11.98 -25.05
C LEU A 252 2.90 13.07 -24.78
N PRO A 253 2.57 14.35 -25.09
CA PRO A 253 3.31 15.50 -24.56
C PRO A 253 3.43 15.45 -23.03
N SER A 254 4.51 16.04 -22.50
CA SER A 254 4.69 16.06 -21.05
C SER A 254 3.82 17.13 -20.38
N ALA A 255 3.39 18.14 -21.15
CA ALA A 255 2.53 19.20 -20.63
C ALA A 255 1.52 19.60 -21.70
N PRO A 256 0.32 20.13 -21.33
CA PRO A 256 -0.68 20.51 -22.34
C PRO A 256 -0.35 21.86 -22.97
N LYS A 257 -0.31 21.93 -24.31
CA LYS A 257 -0.08 23.25 -24.97
C LYS A 257 -1.42 23.99 -25.01
N ASN A 258 -2.42 23.51 -24.26
CA ASN A 258 -3.74 24.19 -24.23
C ASN A 258 -3.64 25.37 -23.25
N SER A 259 -3.38 26.56 -23.79
CA SER A 259 -3.18 27.80 -22.98
C SER A 259 -4.43 28.16 -22.19
N GLY A 260 -4.28 28.29 -20.86
CA GLY A 260 -5.37 28.71 -19.98
C GLY A 260 -5.67 27.68 -18.90
N LEU A 261 -5.09 26.48 -19.03
CA LEU A 261 -5.44 25.39 -18.13
C LEU A 261 -4.79 25.59 -16.77
N ARG A 262 -5.57 25.46 -15.69
CA ARG A 262 -5.05 25.52 -14.33
C ARG A 262 -5.98 24.70 -13.43
N GLU A 263 -5.50 24.28 -12.27
CA GLU A 263 -6.38 23.63 -11.30
C GLU A 263 -7.55 24.52 -10.91
N MET A 264 -8.70 23.88 -10.74
CA MET A 264 -9.88 24.55 -10.23
C MET A 264 -9.58 24.98 -8.81
N LYS A 265 -10.16 26.13 -8.44
CA LYS A 265 -10.11 26.63 -7.08
C LYS A 265 -11.50 27.13 -6.66
N PRO A 266 -11.71 27.35 -5.34
CA PRO A 266 -13.01 27.74 -4.81
C PRO A 266 -13.71 28.85 -5.57
N SER A 267 -12.99 29.89 -6.02
CA SER A 267 -13.66 30.99 -6.72
C SER A 267 -14.35 30.55 -8.02
N ASP A 268 -13.93 29.40 -8.58
CA ASP A 268 -14.45 28.92 -9.86
C ASP A 268 -15.80 28.21 -9.71
N VAL A 269 -16.21 27.92 -8.47
CA VAL A 269 -17.34 27.03 -8.21
C VAL A 269 -18.60 27.46 -8.96
N PRO A 270 -19.05 28.74 -8.82
CA PRO A 270 -20.24 29.19 -9.55
C PRO A 270 -20.21 29.04 -11.06
N GLN A 271 -19.07 29.32 -11.72
CA GLN A 271 -19.07 29.29 -13.18
C GLN A 271 -19.02 27.83 -13.63
N VAL A 272 -18.29 26.99 -12.88
CA VAL A 272 -18.23 25.55 -13.16
C VAL A 272 -19.64 24.96 -13.04
N ARG A 273 -20.38 25.39 -12.00
CA ARG A 273 -21.72 24.88 -11.79
C ARG A 273 -22.57 25.19 -13.02
N ARG A 274 -22.47 26.43 -13.50
CA ARG A 274 -23.29 26.91 -14.60
CA ARG A 274 -23.31 26.89 -14.59
C ARG A 274 -22.97 26.15 -15.89
N ILE A 275 -21.67 26.03 -16.22
CA ILE A 275 -21.35 25.38 -17.48
C ILE A 275 -21.60 23.86 -17.35
N LEU A 276 -21.47 23.29 -16.14
CA LEU A 276 -21.72 21.85 -15.99
C LEU A 276 -23.21 21.59 -16.16
N MET A 277 -24.04 22.36 -15.45
CA MET A 277 -25.46 22.09 -15.43
C MET A 277 -26.06 22.37 -16.81
N ASN A 278 -25.50 23.35 -17.53
CA ASN A 278 -26.00 23.63 -18.87
CA ASN A 278 -25.94 23.65 -18.90
C ASN A 278 -25.78 22.40 -19.76
N TYR A 279 -24.65 21.73 -19.57
CA TYR A 279 -24.34 20.58 -20.41
C TYR A 279 -25.20 19.38 -20.00
N LEU A 280 -25.26 19.09 -18.69
CA LEU A 280 -25.91 17.86 -18.20
C LEU A 280 -27.40 17.87 -18.47
N ASP A 281 -27.98 19.08 -18.49
CA ASP A 281 -29.41 19.24 -18.69
C ASP A 281 -29.83 18.73 -20.07
N SER A 282 -28.90 18.46 -20.98
CA SER A 282 -29.23 17.93 -22.30
C SER A 282 -29.39 16.41 -22.35
N PHE A 283 -29.10 15.71 -21.22
CA PHE A 283 -29.19 14.25 -21.13
C PHE A 283 -30.46 13.84 -20.39
N ASP A 284 -30.95 12.63 -20.66
CA ASP A 284 -32.22 12.20 -20.07
C ASP A 284 -32.14 12.00 -18.55
N VAL A 285 -31.03 11.42 -18.08
CA VAL A 285 -30.90 11.11 -16.67
C VAL A 285 -29.61 11.76 -16.19
N GLY A 286 -29.67 12.55 -15.13
CA GLY A 286 -28.49 13.31 -14.77
C GLY A 286 -28.65 14.00 -13.43
N PRO A 287 -27.53 14.26 -12.70
CA PRO A 287 -27.57 14.94 -11.41
C PRO A 287 -27.79 16.44 -11.51
N VAL A 288 -28.39 17.02 -10.46
CA VAL A 288 -28.47 18.46 -10.28
C VAL A 288 -27.61 18.77 -9.06
N PHE A 289 -26.60 19.62 -9.25
CA PHE A 289 -25.66 19.92 -8.18
C PHE A 289 -25.84 21.34 -7.70
N SER A 290 -25.88 21.49 -6.37
CA SER A 290 -25.78 22.82 -5.73
C SER A 290 -24.35 23.32 -5.84
N ASP A 291 -24.14 24.60 -5.50
CA ASP A 291 -22.77 25.08 -5.32
C ASP A 291 -21.96 24.19 -4.36
N ALA A 292 -22.54 23.85 -3.18
CA ALA A 292 -21.88 23.05 -2.18
C ALA A 292 -21.49 21.68 -2.74
N GLU A 293 -22.31 21.13 -3.65
CA GLU A 293 -22.01 19.82 -4.21
C GLU A 293 -20.93 19.91 -5.30
N ILE A 294 -20.98 20.98 -6.10
CA ILE A 294 -19.90 21.26 -7.05
C ILE A 294 -18.57 21.31 -6.29
N SER A 295 -18.58 22.08 -5.18
CA SER A 295 -17.39 22.23 -4.34
CA SER A 295 -17.37 22.22 -4.38
C SER A 295 -16.89 20.85 -3.92
N HIS A 296 -17.83 20.05 -3.37
CA HIS A 296 -17.47 18.76 -2.80
C HIS A 296 -16.86 17.81 -3.85
N TYR A 297 -17.57 17.69 -4.98
CA TYR A 297 -17.23 16.63 -5.93
C TYR A 297 -16.11 17.03 -6.87
N LEU A 298 -15.86 18.34 -7.05
CA LEU A 298 -14.94 18.81 -8.08
C LEU A 298 -13.71 19.58 -7.59
N LEU A 299 -13.76 20.20 -6.39
CA LEU A 299 -12.54 20.86 -5.93
C LEU A 299 -11.45 19.83 -5.72
N PRO A 300 -10.20 20.10 -6.19
CA PRO A 300 -9.12 19.11 -6.10
C PRO A 300 -8.85 18.63 -4.67
N ARG A 301 -8.68 17.31 -4.55
CA ARG A 301 -8.27 16.66 -3.30
C ARG A 301 -7.15 15.68 -3.63
N ASP A 302 -5.99 15.92 -3.00
CA ASP A 302 -4.77 15.20 -3.31
C ASP A 302 -5.03 13.70 -3.30
N GLY A 303 -4.63 13.06 -4.41
CA GLY A 303 -4.72 11.62 -4.60
C GLY A 303 -6.13 11.08 -4.82
N VAL A 304 -7.13 11.96 -4.95
CA VAL A 304 -8.53 11.53 -4.95
C VAL A 304 -9.21 12.04 -6.23
N VAL A 305 -9.33 13.37 -6.29
CA VAL A 305 -10.03 14.02 -7.39
C VAL A 305 -9.16 15.15 -7.90
N PHE A 306 -9.06 15.22 -9.23
CA PHE A 306 -8.22 16.16 -9.94
C PHE A 306 -9.11 16.92 -10.93
N THR A 307 -9.12 18.27 -10.89
CA THR A 307 -10.01 19.06 -11.74
C THR A 307 -9.30 20.33 -12.23
N TYR A 308 -9.45 20.59 -13.53
CA TYR A 308 -8.75 21.68 -14.22
C TYR A 308 -9.78 22.51 -14.97
N VAL A 309 -9.54 23.82 -15.02
CA VAL A 309 -10.41 24.72 -15.75
C VAL A 309 -9.59 25.43 -16.82
N VAL A 310 -10.24 25.70 -17.95
CA VAL A 310 -9.69 26.62 -18.94
C VAL A 310 -10.24 27.98 -18.55
N GLU A 311 -9.33 28.89 -18.20
CA GLU A 311 -9.74 30.22 -17.77
C GLU A 311 -8.82 31.21 -18.46
N ASN A 312 -9.44 32.13 -19.19
CA ASN A 312 -8.71 33.29 -19.68
C ASN A 312 -9.41 34.53 -19.14
N ASP A 313 -8.64 35.43 -18.49
CA ASP A 313 -9.19 36.69 -18.01
C ASP A 313 -10.35 36.44 -17.02
N LYS A 314 -10.11 35.55 -16.05
CA LYS A 314 -11.09 35.23 -14.97
C LYS A 314 -12.46 34.80 -15.53
N LYS A 315 -12.49 34.18 -16.71
CA LYS A 315 -13.71 33.64 -17.29
C LYS A 315 -13.48 32.16 -17.61
N VAL A 316 -14.15 31.27 -16.87
CA VAL A 316 -14.01 29.82 -17.03
C VAL A 316 -14.90 29.38 -18.19
N THR A 317 -14.31 28.72 -19.20
CA THR A 317 -15.05 28.35 -20.39
C THR A 317 -15.12 26.83 -20.54
N ASP A 318 -14.20 26.11 -19.90
CA ASP A 318 -14.20 24.67 -20.00
C ASP A 318 -13.63 24.11 -18.69
N PHE A 319 -13.92 22.84 -18.41
CA PHE A 319 -13.25 22.16 -17.32
C PHE A 319 -13.29 20.64 -17.55
N PHE A 320 -12.39 19.93 -16.89
CA PHE A 320 -12.51 18.48 -16.82
C PHE A 320 -12.09 18.01 -15.44
N SER A 321 -12.53 16.81 -15.06
CA SER A 321 -12.20 16.27 -13.77
C SER A 321 -11.92 14.79 -13.94
N PHE A 322 -11.03 14.24 -13.11
CA PHE A 322 -10.89 12.80 -13.07
C PHE A 322 -10.63 12.37 -11.62
N TYR A 323 -11.01 11.12 -11.29
CA TYR A 323 -10.66 10.65 -9.94
C TYR A 323 -9.75 9.42 -10.06
N ARG A 324 -9.12 9.08 -8.93
CA ARG A 324 -8.19 7.95 -8.82
C ARG A 324 -8.84 6.81 -8.06
N ILE A 325 -8.84 5.61 -8.67
CA ILE A 325 -9.00 4.38 -7.90
C ILE A 325 -7.87 3.48 -8.35
N PRO A 326 -6.88 3.17 -7.48
CA PRO A 326 -5.89 2.14 -7.79
C PRO A 326 -6.54 0.77 -7.63
N SER A 327 -6.13 -0.16 -8.49
CA SER A 327 -6.52 -1.56 -8.40
C SER A 327 -5.32 -2.38 -7.91
N THR A 328 -5.58 -3.23 -6.91
CA THR A 328 -4.59 -4.20 -6.42
C THR A 328 -4.37 -5.23 -7.52
N VAL A 329 -3.12 -5.54 -7.82
CA VAL A 329 -2.87 -6.63 -8.75
C VAL A 329 -2.80 -7.94 -7.96
N ILE A 330 -3.82 -8.79 -8.14
CA ILE A 330 -4.03 -9.96 -7.30
C ILE A 330 -2.86 -10.90 -7.55
N GLY A 331 -2.34 -11.44 -6.44
CA GLY A 331 -1.20 -12.34 -6.45
C GLY A 331 -0.54 -12.28 -5.09
N ASN A 332 0.22 -13.34 -4.74
CA ASN A 332 0.96 -13.32 -3.49
C ASN A 332 2.25 -12.54 -3.69
N SER A 333 2.52 -11.61 -2.75
CA SER A 333 3.69 -10.74 -2.73
C SER A 333 3.80 -9.97 -4.04
N ASN A 334 2.67 -9.40 -4.49
CA ASN A 334 2.64 -8.60 -5.71
C ASN A 334 2.17 -7.20 -5.32
N TYR A 335 3.09 -6.22 -5.31
CA TYR A 335 2.76 -4.91 -4.76
C TYR A 335 2.50 -3.93 -5.88
N ASN A 336 2.40 -4.46 -7.10
CA ASN A 336 2.04 -3.65 -8.26
C ASN A 336 0.63 -3.12 -8.05
N LEU A 337 0.44 -1.90 -8.52
CA LEU A 337 -0.84 -1.25 -8.40
C LEU A 337 -1.17 -0.79 -9.80
N LEU A 338 -2.38 -1.04 -10.26
CA LEU A 338 -2.79 -0.36 -11.48
C LEU A 338 -3.30 0.99 -11.05
N ASN A 339 -2.59 2.07 -11.38
CA ASN A 339 -2.97 3.38 -10.88
C ASN A 339 -3.85 4.00 -11.97
N ALA A 340 -5.17 3.89 -11.81
CA ALA A 340 -6.11 4.20 -12.88
C ALA A 340 -6.79 5.55 -12.61
N ALA A 341 -6.91 6.39 -13.64
CA ALA A 341 -7.65 7.65 -13.57
C ALA A 341 -9.02 7.47 -14.24
N TYR A 342 -10.11 7.89 -13.59
CA TYR A 342 -11.44 7.69 -14.18
C TYR A 342 -11.96 9.03 -14.66
N VAL A 343 -12.46 9.10 -15.89
CA VAL A 343 -13.03 10.32 -16.39
C VAL A 343 -14.27 10.66 -15.54
N HIS A 344 -14.30 11.90 -15.02
CA HIS A 344 -15.36 12.38 -14.16
C HIS A 344 -16.21 13.35 -15.00
N TYR A 345 -16.73 14.40 -14.41
CA TYR A 345 -17.52 15.37 -15.16
C TYR A 345 -16.58 16.32 -15.91
N TYR A 346 -17.12 16.96 -16.96
CA TYR A 346 -16.41 17.87 -17.81
C TYR A 346 -17.43 18.71 -18.53
N ALA A 347 -17.00 19.82 -19.12
CA ALA A 347 -17.84 20.62 -20.01
C ALA A 347 -16.93 21.43 -20.93
N ALA A 348 -17.20 21.34 -22.24
CA ALA A 348 -16.39 22.05 -23.23
C ALA A 348 -17.29 23.09 -23.88
N THR A 349 -16.84 24.36 -23.92
CA THR A 349 -17.59 25.36 -24.68
C THR A 349 -16.66 26.12 -25.63
N SER A 350 -15.34 26.09 -25.41
CA SER A 350 -14.44 26.95 -26.18
C SER A 350 -13.55 26.15 -27.11
N ILE A 351 -13.45 24.83 -26.86
CA ILE A 351 -12.58 23.93 -27.61
C ILE A 351 -13.35 22.64 -27.86
N PRO A 352 -13.02 21.86 -28.92
CA PRO A 352 -13.69 20.59 -29.15
C PRO A 352 -13.40 19.68 -27.96
N LEU A 353 -14.39 18.85 -27.60
CA LEU A 353 -14.29 17.94 -26.48
C LEU A 353 -13.03 17.07 -26.59
N HIS A 354 -12.68 16.62 -27.82
CA HIS A 354 -11.47 15.80 -27.92
C HIS A 354 -10.20 16.55 -27.48
N GLN A 355 -10.15 17.86 -27.69
CA GLN A 355 -8.96 18.59 -27.29
C GLN A 355 -8.91 18.69 -25.75
N LEU A 356 -10.08 18.89 -25.14
CA LEU A 356 -10.17 19.00 -23.69
C LEU A 356 -9.73 17.69 -23.04
N ILE A 357 -10.14 16.55 -23.62
CA ILE A 357 -9.83 15.27 -23.01
C ILE A 357 -8.39 14.86 -23.32
N LEU A 358 -7.81 15.31 -24.44
CA LEU A 358 -6.38 15.07 -24.62
C LEU A 358 -5.63 15.70 -23.45
N ASP A 359 -5.99 16.94 -23.06
CA ASP A 359 -5.40 17.59 -21.91
C ASP A 359 -5.54 16.73 -20.64
N LEU A 360 -6.72 16.10 -20.42
CA LEU A 360 -6.92 15.23 -19.27
C LEU A 360 -5.90 14.08 -19.33
N LEU A 361 -5.71 13.46 -20.50
CA LEU A 361 -4.77 12.34 -20.57
C LEU A 361 -3.34 12.83 -20.28
N ILE A 362 -3.01 14.01 -20.80
CA ILE A 362 -1.68 14.60 -20.59
C ILE A 362 -1.45 14.80 -19.10
N VAL A 363 -2.40 15.45 -18.41
CA VAL A 363 -2.29 15.70 -16.97
C VAL A 363 -2.20 14.40 -16.18
N ALA A 364 -3.08 13.43 -16.48
CA ALA A 364 -3.07 12.18 -15.74
C ALA A 364 -1.72 11.49 -15.89
N HIS A 365 -1.21 11.46 -17.13
CA HIS A 365 0.05 10.81 -17.39
C HIS A 365 1.18 11.49 -16.60
N SER A 366 1.16 12.84 -16.60
CA SER A 366 2.10 13.67 -15.84
CA SER A 366 2.11 13.65 -15.85
C SER A 366 2.04 13.36 -14.35
N ARG A 367 0.85 13.03 -13.84
CA ARG A 367 0.66 12.77 -12.42
C ARG A 367 0.87 11.29 -12.11
N GLY A 368 1.42 10.55 -13.08
CA GLY A 368 1.85 9.17 -12.86
C GLY A 368 0.74 8.12 -12.98
N PHE A 369 -0.37 8.45 -13.66
CA PHE A 369 -1.41 7.44 -13.92
C PHE A 369 -0.99 6.52 -15.07
N ASP A 370 -1.40 5.26 -14.98
CA ASP A 370 -1.03 4.19 -15.89
C ASP A 370 -2.05 4.01 -17.00
N VAL A 371 -3.31 4.33 -16.68
CA VAL A 371 -4.38 4.12 -17.65
C VAL A 371 -5.46 5.16 -17.33
N CYS A 372 -6.26 5.51 -18.35
CA CYS A 372 -7.47 6.29 -18.09
C CYS A 372 -8.69 5.45 -18.51
N ASN A 373 -9.66 5.36 -17.60
CA ASN A 373 -10.85 4.51 -17.78
C ASN A 373 -12.09 5.38 -17.83
N MET A 374 -13.10 4.87 -18.56
CA MET A 374 -14.39 5.54 -18.55
C MET A 374 -15.46 4.57 -19.02
N VAL A 375 -16.71 4.93 -18.78
CA VAL A 375 -17.87 4.17 -19.32
C VAL A 375 -18.36 5.02 -20.50
N GLU A 376 -19.04 4.45 -21.49
CA GLU A 376 -19.51 5.26 -22.64
C GLU A 376 -20.81 6.04 -22.35
N ILE A 377 -20.85 6.74 -21.22
CA ILE A 377 -21.96 7.68 -20.93
C ILE A 377 -21.54 9.08 -21.41
N LEU A 378 -22.39 10.08 -21.18
CA LEU A 378 -22.10 11.48 -21.59
C LEU A 378 -21.76 11.51 -23.10
N ASP A 379 -20.72 12.25 -23.48
CA ASP A 379 -20.28 12.30 -24.90
C ASP A 379 -18.96 11.53 -24.99
N ASN A 380 -18.74 10.59 -24.07
CA ASN A 380 -17.48 9.85 -24.01
C ASN A 380 -17.16 9.10 -25.32
N ARG A 381 -18.15 8.63 -26.08
CA ARG A 381 -17.81 7.93 -27.32
C ARG A 381 -17.21 8.87 -28.37
N SER A 382 -17.42 10.20 -28.21
CA SER A 382 -17.07 11.11 -29.30
CA SER A 382 -17.06 11.28 -29.14
C SER A 382 -15.57 11.29 -29.47
N PHE A 383 -14.76 10.85 -28.49
CA PHE A 383 -13.32 11.04 -28.57
C PHE A 383 -12.58 9.71 -28.46
N VAL A 384 -13.30 8.58 -28.40
CA VAL A 384 -12.66 7.26 -28.29
C VAL A 384 -11.57 7.05 -29.33
N GLU A 385 -11.89 7.24 -30.62
CA GLU A 385 -10.94 6.74 -31.62
C GLU A 385 -9.68 7.56 -31.73
N GLN A 386 -9.83 8.88 -31.82
CA GLN A 386 -8.74 9.79 -32.00
C GLN A 386 -7.80 9.72 -30.79
N LEU A 387 -8.36 9.53 -29.58
CA LEU A 387 -7.56 9.56 -28.37
C LEU A 387 -7.12 8.16 -27.99
N LYS A 388 -7.39 7.18 -28.86
CA LYS A 388 -6.82 5.85 -28.72
C LYS A 388 -7.36 5.14 -27.47
N PHE A 389 -8.63 5.38 -27.15
CA PHE A 389 -9.30 4.48 -26.22
C PHE A 389 -9.68 3.17 -26.91
N GLY A 390 -9.66 2.08 -26.15
CA GLY A 390 -10.26 0.85 -26.64
C GLY A 390 -11.30 0.33 -25.66
N ALA A 391 -12.30 -0.40 -26.19
CA ALA A 391 -13.26 -1.05 -25.32
C ALA A 391 -12.61 -2.13 -24.44
N GLY A 392 -13.02 -2.19 -23.17
CA GLY A 392 -12.56 -3.24 -22.27
C GLY A 392 -13.64 -4.31 -22.09
N ASP A 393 -13.35 -5.32 -21.27
CA ASP A 393 -14.13 -6.55 -21.26
CA ASP A 393 -14.14 -6.54 -21.29
C ASP A 393 -15.37 -6.44 -20.37
N GLY A 394 -15.54 -5.27 -19.72
CA GLY A 394 -16.63 -5.07 -18.77
C GLY A 394 -17.77 -4.18 -19.26
N HIS A 395 -18.91 -4.23 -18.55
CA HIS A 395 -20.05 -3.38 -18.84
C HIS A 395 -20.65 -2.88 -17.55
N LEU A 396 -20.91 -1.58 -17.46
CA LEU A 396 -21.52 -1.02 -16.27
C LEU A 396 -23.01 -0.80 -16.57
N ARG A 397 -23.87 -1.46 -15.80
CA ARG A 397 -25.31 -1.39 -15.97
C ARG A 397 -25.84 -0.39 -14.97
N TYR A 398 -26.90 0.35 -15.36
CA TYR A 398 -27.49 1.37 -14.51
C TYR A 398 -28.92 0.94 -14.14
N TYR A 399 -29.29 1.10 -12.87
CA TYR A 399 -30.54 0.57 -12.33
C TYR A 399 -31.24 1.64 -11.50
N PHE A 400 -32.58 1.55 -11.40
CA PHE A 400 -33.28 2.24 -10.34
C PHE A 400 -33.97 1.22 -9.47
N TYR A 401 -34.18 1.61 -8.22
CA TYR A 401 -35.04 0.85 -7.30
C TYR A 401 -36.36 1.60 -7.15
N ASN A 402 -37.49 0.92 -7.33
CA ASN A 402 -38.82 1.55 -7.23
C ASN A 402 -39.01 2.69 -8.23
N TRP A 403 -38.58 2.49 -9.50
CA TRP A 403 -38.76 3.47 -10.57
C TRP A 403 -38.77 2.73 -11.90
N ALA A 404 -39.94 2.82 -12.54
CA ALA A 404 -40.13 2.35 -13.91
C ALA A 404 -39.53 3.40 -14.83
N TYR A 405 -38.65 2.96 -15.73
CA TYR A 405 -37.96 3.86 -16.65
C TYR A 405 -37.77 3.15 -17.99
N PRO A 406 -38.06 3.83 -19.12
CA PRO A 406 -37.89 3.22 -20.45
C PRO A 406 -36.39 3.04 -20.69
N LYS A 407 -36.05 2.01 -21.47
CA LYS A 407 -34.68 1.78 -21.86
CA LYS A 407 -34.68 1.78 -21.87
C LYS A 407 -34.11 3.01 -22.56
N ILE A 408 -32.87 3.40 -22.18
CA ILE A 408 -32.21 4.49 -22.86
C ILE A 408 -30.81 4.03 -23.25
N LYS A 409 -30.22 4.72 -24.22
CA LYS A 409 -28.83 4.46 -24.60
C LYS A 409 -27.91 5.01 -23.50
N PRO A 410 -26.70 4.45 -23.28
CA PRO A 410 -25.79 5.03 -22.30
C PRO A 410 -25.40 6.48 -22.58
N SER A 411 -25.48 6.92 -23.85
CA SER A 411 -25.13 8.31 -24.17
C SER A 411 -26.26 9.27 -23.75
N GLN A 412 -27.34 8.75 -23.17
CA GLN A 412 -28.37 9.60 -22.55
C GLN A 412 -28.23 9.65 -21.02
N VAL A 413 -27.14 9.08 -20.47
CA VAL A 413 -26.92 9.04 -19.03
C VAL A 413 -25.80 10.01 -18.68
N ALA A 414 -26.03 10.85 -17.66
CA ALA A 414 -25.08 11.88 -17.27
C ALA A 414 -24.66 11.74 -15.80
N LEU A 415 -24.93 10.60 -15.15
CA LEU A 415 -24.56 10.38 -13.75
C LEU A 415 -23.27 9.57 -13.78
N VAL A 416 -22.18 10.12 -13.24
CA VAL A 416 -20.99 9.31 -13.02
C VAL A 416 -21.13 8.63 -11.66
N MET A 417 -21.03 7.31 -11.61
CA MET A 417 -20.99 6.67 -10.31
C MET A 417 -19.57 6.15 -10.01
N LEU A 418 -19.19 6.42 -8.75
CA LEU A 418 -17.84 6.18 -8.25
C LEU A 418 -17.68 4.70 -7.91
N ALA B 8 27.95 13.61 29.57
CA ALA B 8 27.21 13.72 28.28
C ALA B 8 26.26 12.54 28.05
N HIS B 9 26.63 11.36 28.54
CA HIS B 9 25.78 10.19 28.37
C HIS B 9 25.51 9.58 29.75
N ALA B 10 24.41 10.04 30.39
CA ALA B 10 24.09 9.66 31.75
C ALA B 10 23.86 8.15 31.88
N PHE B 11 23.38 7.50 30.79
CA PHE B 11 23.21 6.05 30.81
C PHE B 11 24.43 5.35 30.24
N TRP B 12 24.84 5.68 29.00
CA TRP B 12 25.89 4.89 28.36
C TRP B 12 27.26 4.99 29.04
N SER B 13 27.51 6.09 29.78
CA SER B 13 28.74 6.19 30.56
C SER B 13 28.80 5.13 31.66
N THR B 14 27.68 4.52 32.04
CA THR B 14 27.65 3.52 33.10
C THR B 14 27.78 2.11 32.56
N GLN B 15 27.94 1.95 31.22
CA GLN B 15 27.79 0.65 30.59
C GLN B 15 29.15 0.12 30.13
N PRO B 16 29.33 -1.22 30.06
CA PRO B 16 30.58 -1.81 29.58
C PRO B 16 30.71 -1.73 28.05
N VAL B 17 30.88 -0.51 27.53
CA VAL B 17 31.13 -0.32 26.12
C VAL B 17 32.25 0.71 26.02
N PRO B 18 33.01 0.72 24.91
CA PRO B 18 34.03 1.75 24.70
C PRO B 18 33.40 3.13 24.73
N GLN B 19 34.08 4.07 25.41
CA GLN B 19 33.41 5.30 25.77
C GLN B 19 33.77 6.41 24.78
N THR B 20 34.87 6.26 24.02
CA THR B 20 35.22 7.23 22.99
C THR B 20 35.79 6.56 21.76
N GLU B 21 35.79 7.36 20.68
CA GLU B 21 36.36 7.00 19.39
C GLU B 21 37.83 6.68 19.56
N ASP B 22 38.54 7.54 20.31
CA ASP B 22 39.97 7.37 20.56
C ASP B 22 40.22 6.03 21.24
N GLU B 23 39.34 5.65 22.18
CA GLU B 23 39.46 4.38 22.88
C GLU B 23 39.36 3.24 21.87
N THR B 24 38.39 3.35 20.96
CA THR B 24 38.10 2.33 19.96
C THR B 24 39.27 2.22 18.98
N GLU B 25 39.94 3.36 18.70
CA GLU B 25 41.01 3.35 17.71
C GLU B 25 42.26 2.69 18.26
N LYS B 26 42.36 2.56 19.60
CA LYS B 26 43.54 2.02 20.25
C LYS B 26 43.38 0.53 20.62
N ILE B 27 42.15 -0.01 20.50
CA ILE B 27 41.89 -1.41 20.87
C ILE B 27 42.65 -2.30 19.89
N VAL B 28 43.44 -3.23 20.41
CA VAL B 28 44.26 -4.08 19.54
C VAL B 28 43.80 -5.55 19.49
N PHE B 29 43.09 -6.04 20.51
CA PHE B 29 42.55 -7.40 20.50
C PHE B 29 41.07 -7.37 20.88
N ALA B 30 40.30 -8.28 20.29
CA ALA B 30 38.93 -8.52 20.70
C ALA B 30 38.92 -9.14 22.10
N GLY B 31 37.88 -8.82 22.87
CA GLY B 31 37.72 -9.37 24.20
C GLY B 31 36.70 -8.61 25.02
N PRO B 32 36.26 -9.19 26.17
CA PRO B 32 35.19 -8.61 27.01
C PRO B 32 35.63 -7.30 27.67
N MET B 33 34.69 -6.42 28.04
CA MET B 33 35.03 -5.23 28.79
C MET B 33 34.84 -5.47 30.30
N ASP B 34 33.75 -6.12 30.70
CA ASP B 34 33.21 -6.03 32.06
C ASP B 34 33.87 -7.10 32.94
N GLU B 35 33.55 -7.02 34.24
CA GLU B 35 33.98 -8.03 35.19
C GLU B 35 33.40 -9.36 34.74
N PRO B 36 34.17 -10.49 34.74
CA PRO B 36 33.56 -11.80 34.49
C PRO B 36 32.58 -12.05 35.63
N LYS B 37 31.39 -12.59 35.31
CA LYS B 37 30.35 -12.82 36.28
C LYS B 37 29.76 -14.21 36.05
N THR B 38 28.96 -14.69 37.02
CA THR B 38 28.21 -15.93 36.90
C THR B 38 26.72 -15.59 36.86
N VAL B 39 25.89 -16.53 36.40
CA VAL B 39 24.44 -16.35 36.43
C VAL B 39 23.98 -16.05 37.85
N ALA B 40 24.56 -16.74 38.85
CA ALA B 40 24.15 -16.55 40.23
C ALA B 40 24.38 -15.11 40.69
N ASP B 41 25.26 -14.37 40.01
CA ASP B 41 25.53 -12.99 40.42
C ASP B 41 24.39 -12.09 39.97
N ILE B 42 23.59 -12.56 39.01
CA ILE B 42 22.63 -11.67 38.39
C ILE B 42 21.31 -11.80 39.11
N PRO B 43 20.66 -10.65 39.42
CA PRO B 43 19.34 -10.63 40.04
C PRO B 43 18.28 -11.45 39.31
N GLU B 44 17.53 -12.22 40.10
CA GLU B 44 16.42 -13.02 39.61
CA GLU B 44 16.43 -13.00 39.57
C GLU B 44 15.18 -12.13 39.40
N GLU B 45 15.07 -11.03 40.17
CA GLU B 45 13.90 -10.16 40.13
CA GLU B 45 13.90 -10.16 40.11
C GLU B 45 14.04 -9.19 38.94
N PRO B 46 12.96 -8.89 38.17
CA PRO B 46 13.06 -7.93 37.08
C PRO B 46 13.55 -6.60 37.63
N TYR B 47 14.06 -5.78 36.72
CA TYR B 47 14.55 -4.45 37.05
C TYR B 47 13.38 -3.62 37.55
N PRO B 48 13.56 -2.79 38.61
CA PRO B 48 12.48 -1.94 39.09
C PRO B 48 11.92 -1.03 38.00
N ILE B 49 10.59 -0.88 37.99
CA ILE B 49 9.94 0.07 37.09
C ILE B 49 8.78 0.69 37.85
N ALA B 50 8.36 1.90 37.45
CA ALA B 50 7.36 2.70 38.14
C ALA B 50 6.07 1.88 38.31
N SER B 51 5.45 2.02 39.49
CA SER B 51 4.23 1.29 39.84
C SER B 51 3.12 1.39 38.81
N THR B 52 3.07 2.42 37.97
CA THR B 52 2.01 2.47 36.98
C THR B 52 2.24 1.54 35.78
N PHE B 53 3.46 0.96 35.70
CA PHE B 53 3.85 0.13 34.56
C PHE B 53 4.15 -1.29 35.01
N GLU B 54 4.14 -2.24 34.05
CA GLU B 54 4.46 -3.63 34.33
C GLU B 54 5.25 -4.19 33.15
N TRP B 55 6.19 -5.11 33.45
CA TRP B 55 6.88 -5.90 32.43
C TRP B 55 5.90 -6.94 31.89
N TRP B 56 6.03 -7.21 30.59
CA TRP B 56 5.23 -8.22 29.93
C TRP B 56 6.12 -8.95 28.94
N THR B 57 6.07 -10.29 28.96
CA THR B 57 6.75 -11.06 27.94
C THR B 57 5.70 -11.50 26.92
N PRO B 58 5.55 -10.84 25.75
CA PRO B 58 4.52 -11.25 24.79
C PRO B 58 4.87 -12.63 24.23
N ASN B 59 3.85 -13.39 23.82
CA ASN B 59 4.11 -14.64 23.12
C ASN B 59 4.04 -14.32 21.64
N MET B 60 5.19 -14.36 20.96
CA MET B 60 5.29 -13.79 19.62
C MET B 60 4.77 -14.77 18.58
N GLU B 61 4.04 -15.80 19.02
CA GLU B 61 3.39 -16.71 18.09
CA GLU B 61 3.38 -16.70 18.09
C GLU B 61 1.88 -16.64 18.32
N ALA B 62 1.46 -15.87 19.34
CA ALA B 62 0.05 -15.60 19.63
C ALA B 62 -0.41 -14.34 18.88
N ALA B 63 -1.54 -14.47 18.16
CA ALA B 63 -2.02 -13.51 17.17
C ALA B 63 -2.23 -12.13 17.79
N ASP B 64 -2.83 -12.09 18.98
CA ASP B 64 -3.15 -10.84 19.63
C ASP B 64 -1.88 -10.15 20.10
N ASP B 65 -0.88 -10.93 20.55
CA ASP B 65 0.36 -10.35 21.04
C ASP B 65 1.13 -9.74 19.89
N ILE B 66 1.27 -10.48 18.78
CA ILE B 66 1.98 -9.97 17.61
CA ILE B 66 1.98 -9.97 17.61
C ILE B 66 1.27 -8.72 17.10
N HIS B 67 -0.06 -8.71 17.12
CA HIS B 67 -0.81 -7.54 16.68
C HIS B 67 -0.48 -6.30 17.53
N ALA B 68 -0.42 -6.49 18.85
CA ALA B 68 -0.09 -5.43 19.80
C ALA B 68 1.27 -4.80 19.48
N ILE B 69 2.31 -5.64 19.32
CA ILE B 69 3.67 -5.21 19.00
CA ILE B 69 3.65 -5.16 19.03
C ILE B 69 3.66 -4.49 17.65
N TYR B 70 3.03 -5.11 16.65
CA TYR B 70 2.91 -4.52 15.32
C TYR B 70 2.41 -3.06 15.38
N GLU B 71 1.36 -2.82 16.18
CA GLU B 71 0.78 -1.48 16.24
C GLU B 71 1.71 -0.48 16.93
N LEU B 72 2.37 -0.90 18.02
CA LEU B 72 3.36 -0.02 18.65
C LEU B 72 4.40 0.42 17.61
N LEU B 73 4.95 -0.57 16.89
CA LEU B 73 6.04 -0.21 15.97
C LEU B 73 5.52 0.64 14.79
N ARG B 74 4.34 0.28 14.26
CA ARG B 74 3.77 0.97 13.11
C ARG B 74 3.64 2.46 13.44
N ASP B 75 3.22 2.78 14.67
CA ASP B 75 2.91 4.15 15.07
C ASP B 75 4.12 4.85 15.67
N ASN B 76 5.12 4.10 16.15
CA ASN B 76 6.19 4.74 16.97
C ASN B 76 7.62 4.27 16.66
N TYR B 77 7.87 3.53 15.58
CA TYR B 77 9.24 3.02 15.31
C TYR B 77 10.08 4.05 14.52
N VAL B 78 11.21 3.60 14.00
CA VAL B 78 12.22 4.42 13.28
C VAL B 78 11.60 5.25 12.17
N GLU B 79 11.89 6.54 12.25
CA GLU B 79 11.62 7.47 11.16
C GLU B 79 12.93 7.83 10.48
N ASP B 80 12.90 8.15 9.18
CA ASP B 80 14.12 8.61 8.53
C ASP B 80 14.51 9.98 9.12
N ASP B 81 15.68 10.47 8.70
CA ASP B 81 16.27 11.67 9.28
C ASP B 81 15.38 12.90 9.05
N ASP B 82 14.42 12.80 8.12
CA ASP B 82 13.61 13.95 7.74
C ASP B 82 12.18 13.80 8.23
N SER B 83 11.91 12.75 9.00
CA SER B 83 10.56 12.48 9.54
C SER B 83 9.54 12.43 8.41
N MET B 84 9.87 11.74 7.32
CA MET B 84 8.93 11.64 6.22
CA MET B 84 8.98 11.62 6.17
C MET B 84 8.40 10.21 6.09
N PHE B 85 9.20 9.22 6.55
CA PHE B 85 8.87 7.79 6.44
C PHE B 85 9.04 7.12 7.80
N ARG B 86 8.18 6.15 8.10
CA ARG B 86 8.32 5.37 9.32
C ARG B 86 8.26 3.87 8.99
N PHE B 87 9.19 3.05 9.56
CA PHE B 87 9.12 1.64 9.19
C PHE B 87 7.78 1.06 9.62
N ASN B 88 7.22 0.17 8.80
CA ASN B 88 5.94 -0.50 9.01
C ASN B 88 6.13 -2.00 8.85
N TYR B 89 7.01 -2.60 9.69
CA TYR B 89 7.23 -4.03 9.59
C TYR B 89 5.92 -4.78 9.78
N SER B 90 5.75 -5.87 9.02
CA SER B 90 4.49 -6.61 9.07
C SER B 90 4.48 -7.60 10.24
N GLU B 91 3.29 -8.07 10.63
CA GLU B 91 3.19 -9.05 11.69
C GLU B 91 4.01 -10.27 11.34
N GLU B 92 3.86 -10.70 10.07
CA GLU B 92 4.56 -11.86 9.53
C GLU B 92 6.07 -11.63 9.62
N PHE B 93 6.49 -10.41 9.31
CA PHE B 93 7.92 -10.11 9.37
C PHE B 93 8.44 -10.19 10.80
N LEU B 94 7.71 -9.58 11.74
CA LEU B 94 8.11 -9.61 13.14
C LEU B 94 8.25 -11.04 13.61
N GLN B 95 7.31 -11.91 13.24
CA GLN B 95 7.33 -13.28 13.71
CA GLN B 95 7.33 -13.29 13.72
C GLN B 95 8.58 -13.98 13.16
N TRP B 96 8.91 -13.68 11.89
CA TRP B 96 10.11 -14.24 11.27
C TRP B 96 11.38 -13.75 11.98
N ALA B 97 11.47 -12.44 12.20
CA ALA B 97 12.68 -11.83 12.75
C ALA B 97 12.92 -12.23 14.21
N LEU B 98 11.83 -12.45 14.95
CA LEU B 98 11.93 -12.56 16.41
C LEU B 98 11.88 -14.01 16.88
N CYS B 99 11.52 -14.93 16.00
CA CYS B 99 11.40 -16.33 16.39
C CYS B 99 12.28 -17.26 15.56
N PRO B 100 13.59 -16.97 15.42
CA PRO B 100 14.50 -17.84 14.69
C PRO B 100 14.69 -19.12 15.51
N PRO B 101 15.34 -20.17 14.93
CA PRO B 101 15.62 -21.40 15.67
C PRO B 101 16.28 -21.18 17.03
N ASN B 102 15.76 -21.88 18.04
CA ASN B 102 16.22 -21.77 19.42
C ASN B 102 16.08 -20.35 19.97
N TYR B 103 15.12 -19.57 19.48
CA TYR B 103 14.92 -18.26 20.10
C TYR B 103 14.48 -18.42 21.56
N ILE B 104 14.70 -17.39 22.38
CA ILE B 104 14.40 -17.41 23.79
C ILE B 104 13.20 -16.49 24.02
N PRO B 105 12.00 -16.99 24.38
CA PRO B 105 10.82 -16.11 24.52
C PRO B 105 11.05 -14.99 25.53
N ASP B 106 11.86 -15.29 26.57
CA ASP B 106 12.11 -14.36 27.67
C ASP B 106 12.88 -13.11 27.18
N TRP B 107 13.52 -13.21 26.00
CA TRP B 107 14.28 -12.08 25.43
C TRP B 107 13.39 -11.10 24.66
N HIS B 108 12.07 -11.32 24.65
CA HIS B 108 11.10 -10.40 24.07
C HIS B 108 10.47 -9.58 25.21
N VAL B 109 10.86 -8.31 25.34
CA VAL B 109 10.58 -7.57 26.56
C VAL B 109 9.64 -6.41 26.27
N ALA B 110 8.49 -6.36 26.97
CA ALA B 110 7.60 -5.23 26.77
C ALA B 110 7.26 -4.54 28.10
N VAL B 111 6.77 -3.29 27.99
CA VAL B 111 6.25 -2.53 29.11
C VAL B 111 4.82 -2.15 28.74
N ARG B 112 3.89 -2.48 29.65
CA ARG B 112 2.49 -2.09 29.56
C ARG B 112 2.15 -1.14 30.71
N ARG B 113 1.25 -0.19 30.44
CA ARG B 113 0.58 0.53 31.49
C ARG B 113 -0.43 -0.41 32.17
N LYS B 114 -0.34 -0.51 33.50
CA LYS B 114 -1.10 -1.49 34.27
CA LYS B 114 -1.10 -1.51 34.23
C LYS B 114 -2.60 -1.24 34.13
N ALA B 115 -2.99 0.04 34.13
CA ALA B 115 -4.41 0.36 34.30
C ALA B 115 -5.24 -0.08 33.10
N ASP B 116 -4.72 0.12 31.88
CA ASP B 116 -5.50 -0.12 30.67
C ASP B 116 -4.79 -1.13 29.76
N LYS B 117 -3.68 -1.68 30.24
CA LYS B 117 -2.86 -2.64 29.49
C LYS B 117 -2.35 -2.08 28.16
N LYS B 118 -2.21 -0.77 28.04
CA LYS B 118 -1.64 -0.18 26.82
C LYS B 118 -0.14 -0.53 26.72
N LEU B 119 0.28 -1.06 25.57
CA LEU B 119 1.68 -1.32 25.30
C LEU B 119 2.42 0.00 25.03
N LEU B 120 3.51 0.23 25.76
CA LEU B 120 4.17 1.52 25.80
C LEU B 120 5.60 1.43 25.26
N ALA B 121 6.18 0.21 25.30
CA ALA B 121 7.57 0.07 24.90
C ALA B 121 7.91 -1.40 24.61
N PHE B 122 8.96 -1.59 23.82
CA PHE B 122 9.42 -2.93 23.48
C PHE B 122 10.93 -2.97 23.27
N ILE B 123 11.54 -4.15 23.47
CA ILE B 123 12.89 -4.37 22.98
C ILE B 123 13.03 -5.89 22.82
N ALA B 124 13.83 -6.34 21.86
CA ALA B 124 13.93 -7.76 21.63
C ALA B 124 15.38 -8.18 21.41
N GLY B 125 15.74 -9.31 22.04
CA GLY B 125 16.93 -10.05 21.67
C GLY B 125 16.61 -11.37 20.98
N VAL B 126 17.50 -11.77 20.06
CA VAL B 126 17.44 -13.11 19.52
C VAL B 126 18.85 -13.67 19.53
N PRO B 127 19.01 -15.02 19.57
CA PRO B 127 20.33 -15.65 19.52
C PRO B 127 20.99 -15.40 18.17
N VAL B 128 22.33 -15.24 18.16
CA VAL B 128 23.07 -15.25 16.91
C VAL B 128 24.41 -15.88 17.24
N THR B 129 24.93 -16.71 16.32
CA THR B 129 26.28 -17.21 16.46
C THR B 129 27.20 -16.30 15.63
N LEU B 130 28.12 -15.57 16.27
CA LEU B 130 28.87 -14.53 15.56
C LEU B 130 30.37 -14.77 15.72
N ARG B 131 31.09 -14.66 14.59
CA ARG B 131 32.54 -14.52 14.62
C ARG B 131 32.84 -13.05 14.94
N MET B 132 33.61 -12.80 16.01
CA MET B 132 33.84 -11.48 16.55
C MET B 132 35.25 -11.44 17.14
N GLY B 133 36.12 -12.28 16.57
CA GLY B 133 37.53 -12.33 16.97
C GLY B 133 38.32 -11.19 16.33
N THR B 134 39.55 -10.99 16.82
CA THR B 134 40.42 -9.89 16.43
C THR B 134 40.52 -9.83 14.91
N PRO B 135 40.35 -8.65 14.30
CA PRO B 135 40.40 -8.50 12.83
C PRO B 135 41.69 -8.94 12.15
N LYS B 136 41.60 -9.17 10.83
CA LYS B 136 42.72 -9.56 9.98
C LYS B 136 43.88 -8.57 10.14
N TYR B 137 43.57 -7.26 9.94
CA TYR B 137 44.58 -6.20 9.95
C TYR B 137 45.29 -6.16 11.30
N MET B 138 44.61 -6.67 12.36
CA MET B 138 45.13 -6.58 13.71
C MET B 138 45.93 -7.82 14.11
N LYS B 139 45.67 -8.95 13.44
CA LYS B 139 46.36 -10.21 13.75
C LYS B 139 47.76 -10.22 13.14
N VAL B 140 47.96 -9.45 12.07
CA VAL B 140 49.27 -9.28 11.43
C VAL B 140 50.14 -8.43 12.36
N LYS B 141 49.61 -7.30 12.86
CA LYS B 141 50.32 -6.48 13.83
C LYS B 141 50.74 -7.32 15.05
N ALA B 142 49.82 -8.16 15.55
CA ALA B 142 50.04 -8.95 16.76
C ALA B 142 51.14 -9.99 16.52
N GLN B 143 51.16 -10.52 15.28
CA GLN B 143 52.15 -11.46 14.78
C GLN B 143 53.57 -10.90 15.01
N GLU B 144 53.79 -9.67 14.52
CA GLU B 144 55.06 -8.96 14.60
C GLU B 144 55.56 -8.91 16.04
N LYS B 145 54.69 -8.52 16.98
CA LYS B 145 55.04 -8.38 18.39
C LYS B 145 55.06 -9.72 19.13
N GLY B 146 54.75 -10.83 18.43
CA GLY B 146 54.75 -12.15 19.03
C GLY B 146 53.54 -12.43 19.93
N GLU B 147 52.46 -11.67 19.75
CA GLU B 147 51.25 -11.80 20.57
C GLU B 147 50.13 -12.46 19.77
N GLY B 148 50.50 -13.35 18.84
CA GLY B 148 49.56 -14.12 18.03
C GLY B 148 48.48 -14.80 18.86
N GLU B 149 48.84 -15.23 20.08
CA GLU B 149 47.96 -16.10 20.86
C GLU B 149 46.85 -15.27 21.50
N GLU B 150 47.22 -14.11 22.05
CA GLU B 150 46.30 -13.21 22.71
CA GLU B 150 46.28 -13.23 22.72
C GLU B 150 45.30 -12.66 21.69
N ALA B 151 45.78 -12.47 20.45
CA ALA B 151 44.94 -11.95 19.39
C ALA B 151 43.91 -12.99 18.95
N ALA B 152 44.24 -14.27 19.13
CA ALA B 152 43.45 -15.37 18.59
C ALA B 152 42.53 -15.97 19.65
N LYS B 153 42.59 -15.44 20.88
CA LYS B 153 41.94 -16.03 22.04
CA LYS B 153 41.94 -16.02 22.04
C LYS B 153 40.45 -16.25 21.76
N TYR B 154 39.81 -15.29 21.05
CA TYR B 154 38.36 -15.34 20.88
C TYR B 154 37.97 -15.51 19.41
N ASP B 155 38.69 -16.39 18.70
CA ASP B 155 38.45 -16.63 17.29
C ASP B 155 37.20 -17.49 17.07
N GLU B 156 36.92 -18.38 18.02
CA GLU B 156 35.81 -19.30 17.87
C GLU B 156 34.49 -18.53 17.83
N PRO B 157 33.52 -18.92 16.96
CA PRO B 157 32.22 -18.24 16.89
C PRO B 157 31.56 -18.27 18.26
N ARG B 158 30.87 -17.19 18.64
CA ARG B 158 30.28 -17.06 19.98
C ARG B 158 28.76 -16.97 19.90
N HIS B 159 28.13 -17.65 20.85
CA HIS B 159 26.68 -17.63 20.96
C HIS B 159 26.28 -16.43 21.81
N ILE B 160 25.72 -15.38 21.18
CA ILE B 160 25.47 -14.10 21.82
C ILE B 160 24.04 -13.66 21.46
N CYS B 161 23.74 -12.41 21.82
CA CYS B 161 22.43 -11.81 21.60
C CYS B 161 22.53 -10.80 20.45
N GLU B 162 21.51 -10.74 19.60
CA GLU B 162 21.28 -9.63 18.69
CA GLU B 162 21.29 -9.62 18.69
C GLU B 162 20.09 -8.83 19.24
N ILE B 163 20.27 -7.50 19.44
CA ILE B 163 19.21 -6.66 19.99
C ILE B 163 18.59 -5.84 18.86
N ASN B 164 17.25 -5.74 18.86
CA ASN B 164 16.59 -5.00 17.80
C ASN B 164 15.22 -4.56 18.32
N PHE B 165 14.56 -3.68 17.54
CA PHE B 165 13.18 -3.27 17.78
C PHE B 165 12.97 -2.57 19.12
N LEU B 166 14.00 -1.89 19.64
CA LEU B 166 13.83 -1.01 20.79
C LEU B 166 12.88 0.12 20.39
N CYS B 167 11.83 0.37 21.18
CA CYS B 167 10.84 1.37 20.80
C CYS B 167 10.14 1.84 22.06
N VAL B 168 10.03 3.16 22.20
CA VAL B 168 9.22 3.75 23.25
C VAL B 168 8.14 4.59 22.57
N HIS B 169 6.94 4.49 23.10
CA HIS B 169 5.78 5.19 22.56
C HIS B 169 6.09 6.68 22.49
N LYS B 170 5.66 7.30 21.37
CA LYS B 170 5.97 8.71 21.11
C LYS B 170 5.62 9.60 22.30
N GLN B 171 4.57 9.20 23.04
CA GLN B 171 4.03 10.05 24.09
C GLN B 171 4.83 9.91 25.40
N LEU B 172 5.82 9.00 25.43
CA LEU B 172 6.63 8.73 26.61
C LEU B 172 8.11 8.99 26.34
N ARG B 173 8.41 9.75 25.28
CA ARG B 173 9.78 10.05 24.91
C ARG B 173 10.46 10.97 25.91
N GLU B 174 11.77 10.73 26.10
CA GLU B 174 12.66 11.58 26.88
C GLU B 174 12.34 11.51 28.37
N LYS B 175 11.84 10.36 28.82
CA LYS B 175 11.50 10.10 30.22
C LYS B 175 12.42 9.03 30.80
N ARG B 176 13.52 8.73 30.09
CA ARG B 176 14.53 7.80 30.57
C ARG B 176 13.98 6.37 30.67
N LEU B 177 13.04 6.03 29.78
CA LEU B 177 12.48 4.69 29.73
C LEU B 177 13.43 3.76 28.96
N ALA B 178 14.11 4.27 27.93
CA ALA B 178 14.89 3.36 27.09
C ALA B 178 15.99 2.68 27.90
N PRO B 179 16.75 3.39 28.79
CA PRO B 179 17.72 2.72 29.67
C PRO B 179 17.14 1.57 30.50
N ILE B 180 15.90 1.73 30.99
CA ILE B 180 15.22 0.73 31.82
CA ILE B 180 15.27 0.72 31.83
C ILE B 180 15.03 -0.55 31.01
N LEU B 181 14.55 -0.39 29.76
CA LEU B 181 14.37 -1.49 28.83
CA LEU B 181 14.36 -1.51 28.86
C LEU B 181 15.69 -2.21 28.61
N ILE B 182 16.74 -1.40 28.35
CA ILE B 182 18.02 -1.96 28.00
C ILE B 182 18.58 -2.75 29.19
N LYS B 183 18.45 -2.20 30.41
CA LYS B 183 18.94 -2.86 31.63
C LYS B 183 18.22 -4.19 31.87
N GLU B 184 16.91 -4.21 31.60
CA GLU B 184 16.11 -5.40 31.83
C GLU B 184 16.44 -6.46 30.79
N ALA B 185 16.61 -6.05 29.52
CA ALA B 185 17.04 -6.96 28.46
C ALA B 185 18.39 -7.56 28.86
N THR B 186 19.34 -6.69 29.20
CA THR B 186 20.64 -7.19 29.65
C THR B 186 20.54 -8.26 30.77
N ARG B 187 19.73 -7.98 31.80
CA ARG B 187 19.55 -8.91 32.91
C ARG B 187 19.02 -10.26 32.40
N ARG B 188 18.03 -10.23 31.50
CA ARG B 188 17.41 -11.46 31.03
C ARG B 188 18.40 -12.29 30.22
N VAL B 189 19.24 -11.61 29.45
CA VAL B 189 20.26 -12.27 28.64
C VAL B 189 21.33 -12.86 29.56
N ASN B 190 21.82 -12.04 30.51
CA ASN B 190 22.86 -12.47 31.44
C ASN B 190 22.38 -13.73 32.20
N ARG B 191 21.07 -13.78 32.50
CA ARG B 191 20.53 -14.91 33.25
C ARG B 191 20.65 -16.21 32.48
N THR B 192 20.95 -16.13 31.17
CA THR B 192 21.09 -17.35 30.40
C THR B 192 22.55 -17.60 30.07
N ASN B 193 23.43 -16.88 30.78
CA ASN B 193 24.88 -17.02 30.72
C ASN B 193 25.42 -16.47 29.39
N VAL B 194 24.79 -15.43 28.86
CA VAL B 194 25.32 -14.77 27.67
C VAL B 194 25.68 -13.33 28.05
N TRP B 195 26.87 -12.85 27.61
CA TRP B 195 27.52 -11.69 28.20
C TRP B 195 27.81 -10.59 27.16
N GLN B 196 27.52 -10.89 25.87
CA GLN B 196 27.79 -9.96 24.79
C GLN B 196 26.54 -9.82 23.95
N ALA B 197 26.40 -8.66 23.31
CA ALA B 197 25.34 -8.45 22.33
C ALA B 197 25.89 -7.63 21.17
N VAL B 198 25.15 -7.68 20.06
CA VAL B 198 25.41 -6.91 18.87
C VAL B 198 24.12 -6.17 18.49
N TYR B 199 24.31 -4.89 18.14
CA TYR B 199 23.17 -4.08 17.76
C TYR B 199 23.60 -3.05 16.71
N THR B 200 22.62 -2.54 15.96
CA THR B 200 22.90 -1.47 15.02
C THR B 200 21.93 -0.32 15.32
N ALA B 201 22.31 0.91 14.94
CA ALA B 201 21.35 1.99 14.97
C ALA B 201 21.78 3.02 13.93
N GLY B 202 20.81 3.88 13.56
CA GLY B 202 21.09 4.99 12.67
C GLY B 202 21.65 6.19 13.43
N VAL B 203 21.66 6.15 14.76
CA VAL B 203 22.14 7.25 15.61
C VAL B 203 23.52 6.91 16.15
N LEU B 204 24.31 7.94 16.47
CA LEU B 204 25.66 7.78 17.00
C LEU B 204 25.63 7.65 18.52
N LEU B 205 26.09 6.49 19.01
CA LEU B 205 26.11 6.18 20.43
C LEU B 205 27.57 5.87 20.77
N PRO B 206 28.00 5.79 22.05
CA PRO B 206 29.32 5.25 22.34
C PRO B 206 29.23 3.72 22.23
N THR B 207 30.08 3.09 21.42
CA THR B 207 30.91 3.70 20.39
C THR B 207 30.98 2.67 19.27
N PRO B 208 30.66 3.02 18.01
CA PRO B 208 30.55 1.99 16.97
C PRO B 208 31.92 1.41 16.66
N TYR B 209 31.95 0.12 16.31
CA TYR B 209 33.18 -0.49 15.79
C TYR B 209 33.21 -0.37 14.26
N ALA B 210 32.04 -0.10 13.63
CA ALA B 210 32.00 0.13 12.20
C ALA B 210 30.80 1.02 11.87
N SER B 211 30.89 1.80 10.80
CA SER B 211 29.78 2.60 10.32
CA SER B 211 29.82 2.66 10.32
C SER B 211 29.78 2.60 8.80
N GLY B 212 28.57 2.53 8.23
CA GLY B 212 28.39 2.47 6.78
C GLY B 212 27.21 3.35 6.36
N GLN B 213 27.39 4.09 5.26
CA GLN B 213 26.28 4.79 4.63
C GLN B 213 25.34 3.76 4.05
N TYR B 214 24.04 4.08 3.98
CA TYR B 214 23.11 3.27 3.20
CA TYR B 214 23.09 3.28 3.21
C TYR B 214 22.90 3.89 1.82
N PHE B 215 22.36 3.08 0.90
CA PHE B 215 22.28 3.37 -0.52
C PHE B 215 20.92 2.92 -1.02
N HIS B 216 20.40 3.65 -2.02
CA HIS B 216 19.11 3.31 -2.61
C HIS B 216 19.24 3.18 -4.14
N ARG B 217 18.37 2.34 -4.73
CA ARG B 217 18.29 2.22 -6.17
C ARG B 217 16.79 2.30 -6.52
N SER B 218 16.43 3.35 -7.22
CA SER B 218 15.09 3.58 -7.71
C SER B 218 14.67 2.44 -8.62
N LEU B 219 13.45 1.93 -8.33
CA LEU B 219 12.80 0.93 -9.17
C LEU B 219 11.59 1.56 -9.86
N ASN B 220 10.91 2.47 -9.15
CA ASN B 220 9.68 3.12 -9.59
C ASN B 220 9.81 4.62 -9.36
N PRO B 221 10.67 5.33 -10.12
CA PRO B 221 10.99 6.71 -9.79
C PRO B 221 9.81 7.67 -9.77
N GLU B 222 8.77 7.38 -10.56
CA GLU B 222 7.65 8.30 -10.50
C GLU B 222 7.03 8.32 -9.10
N LYS B 223 6.81 7.16 -8.49
CA LYS B 223 6.28 7.10 -7.13
C LYS B 223 7.25 7.75 -6.13
N LEU B 224 8.57 7.52 -6.30
CA LEU B 224 9.54 7.99 -5.33
C LEU B 224 9.48 9.51 -5.34
N VAL B 225 9.19 10.09 -6.51
CA VAL B 225 9.11 11.54 -6.62
C VAL B 225 7.83 12.02 -5.95
N GLU B 226 6.75 11.26 -6.16
CA GLU B 226 5.42 11.63 -5.68
CA GLU B 226 5.42 11.63 -5.69
C GLU B 226 5.40 11.68 -4.15
N ILE B 227 6.15 10.77 -3.52
CA ILE B 227 6.13 10.68 -2.06
C ILE B 227 7.34 11.39 -1.47
N ARG B 228 8.17 12.01 -2.33
CA ARG B 228 9.28 12.91 -2.00
C ARG B 228 10.49 12.15 -1.44
N PHE B 229 10.59 10.88 -1.80
CA PHE B 229 11.77 10.06 -1.40
C PHE B 229 12.95 10.44 -2.29
N SER B 230 12.65 10.83 -3.54
CA SER B 230 13.66 11.34 -4.48
C SER B 230 13.11 12.57 -5.19
N GLY B 231 13.99 13.36 -5.81
CA GLY B 231 13.54 14.46 -6.67
C GLY B 231 13.97 14.22 -8.10
N ILE B 232 13.79 15.22 -8.96
CA ILE B 232 14.22 15.11 -10.35
CA ILE B 232 14.22 15.10 -10.35
C ILE B 232 15.64 15.67 -10.47
N PRO B 233 16.55 15.02 -11.24
CA PRO B 233 17.85 15.60 -11.56
C PRO B 233 17.84 16.88 -12.42
N ALA B 234 18.55 17.91 -11.95
CA ALA B 234 18.61 19.21 -12.60
C ALA B 234 18.90 19.05 -14.10
N GLN B 235 19.74 18.07 -14.43
CA GLN B 235 20.14 17.80 -15.80
C GLN B 235 18.95 17.23 -16.57
N TYR B 236 18.00 16.65 -15.82
CA TYR B 236 16.76 16.17 -16.41
C TYR B 236 15.74 17.31 -16.48
N GLN B 237 15.81 18.25 -15.53
CA GLN B 237 14.96 19.43 -15.47
C GLN B 237 15.15 20.30 -16.71
N LYS B 238 16.25 20.08 -17.45
CA LYS B 238 16.56 20.85 -18.64
C LYS B 238 15.99 20.19 -19.90
N PHE B 239 15.21 19.11 -19.74
CA PHE B 239 14.70 18.41 -20.91
C PHE B 239 13.17 18.50 -21.00
N GLN B 240 12.63 18.17 -22.18
CA GLN B 240 11.20 18.30 -22.46
C GLN B 240 10.35 17.46 -21.51
N ASN B 241 10.72 16.18 -21.35
CA ASN B 241 10.09 15.33 -20.35
C ASN B 241 11.15 14.87 -19.35
N PRO B 242 11.41 15.64 -18.27
CA PRO B 242 12.32 15.20 -17.21
C PRO B 242 11.95 13.82 -16.69
N MET B 243 10.65 13.57 -16.46
CA MET B 243 10.25 12.34 -15.81
C MET B 243 10.49 11.14 -16.74
N ALA B 244 10.17 11.31 -18.03
CA ALA B 244 10.44 10.27 -19.00
C ALA B 244 11.93 9.93 -19.02
N MET B 245 12.79 10.95 -18.84
CA MET B 245 14.24 10.72 -18.78
C MET B 245 14.59 9.94 -17.50
N LEU B 246 13.92 10.29 -16.39
CA LEU B 246 14.27 9.68 -15.11
C LEU B 246 13.90 8.21 -15.17
N LYS B 247 12.70 7.93 -15.70
CA LYS B 247 12.18 6.59 -15.90
C LYS B 247 13.11 5.76 -16.78
N ARG B 248 13.55 6.37 -17.90
CA ARG B 248 14.46 5.74 -18.84
C ARG B 248 15.75 5.36 -18.12
N ASN B 249 16.31 6.27 -17.36
CA ASN B 249 17.54 6.01 -16.63
C ASN B 249 17.45 4.75 -15.76
N TYR B 250 16.31 4.55 -15.09
CA TYR B 250 16.23 3.46 -14.11
C TYR B 250 15.54 2.23 -14.66
N GLN B 251 15.06 2.28 -15.92
CA GLN B 251 14.35 1.15 -16.49
C GLN B 251 15.16 -0.13 -16.40
N LEU B 252 14.46 -1.25 -16.16
CA LEU B 252 15.07 -2.57 -16.10
C LEU B 252 14.37 -3.52 -17.07
N PRO B 253 15.03 -4.61 -17.52
CA PRO B 253 14.32 -5.71 -18.21
C PRO B 253 13.18 -6.28 -17.34
N SER B 254 12.18 -6.88 -17.98
CA SER B 254 11.00 -7.34 -17.24
C SER B 254 11.25 -8.71 -16.59
N ALA B 255 12.20 -9.49 -17.12
CA ALA B 255 12.54 -10.76 -16.51
C ALA B 255 14.05 -10.93 -16.50
N PRO B 256 14.61 -11.74 -15.56
CA PRO B 256 16.06 -11.86 -15.43
C PRO B 256 16.70 -12.55 -16.64
N LYS B 257 17.93 -12.18 -16.96
CA LYS B 257 18.54 -12.82 -18.15
C LYS B 257 19.44 -13.97 -17.69
N ASN B 258 19.59 -14.17 -16.38
CA ASN B 258 20.44 -15.31 -15.97
C ASN B 258 19.61 -16.59 -16.09
N SER B 259 19.80 -17.29 -17.21
CA SER B 259 19.10 -18.57 -17.42
C SER B 259 19.56 -19.46 -16.26
N GLY B 260 18.64 -20.07 -15.51
CA GLY B 260 19.04 -20.91 -14.38
C GLY B 260 18.47 -20.43 -13.06
N LEU B 261 17.93 -19.20 -13.02
CA LEU B 261 17.46 -18.61 -11.79
C LEU B 261 16.10 -19.19 -11.41
N ARG B 262 15.88 -19.51 -10.13
CA ARG B 262 14.58 -19.98 -9.66
C ARG B 262 14.50 -19.64 -8.16
N GLU B 263 13.28 -19.63 -7.62
CA GLU B 263 13.14 -19.52 -6.18
C GLU B 263 13.85 -20.66 -5.46
N MET B 264 14.40 -20.31 -4.29
CA MET B 264 15.05 -21.30 -3.43
C MET B 264 13.97 -22.21 -2.87
N LYS B 265 14.33 -23.48 -2.69
CA LYS B 265 13.43 -24.46 -2.07
C LYS B 265 14.20 -25.26 -1.01
N PRO B 266 13.48 -25.96 -0.09
CA PRO B 266 14.11 -26.66 1.03
C PRO B 266 15.31 -27.54 0.66
N SER B 267 15.26 -28.22 -0.50
CA SER B 267 16.36 -29.09 -0.86
C SER B 267 17.66 -28.31 -1.11
N ASP B 268 17.57 -26.99 -1.34
CA ASP B 268 18.75 -26.17 -1.63
C ASP B 268 19.51 -25.78 -0.35
N VAL B 269 18.92 -26.01 0.82
CA VAL B 269 19.47 -25.49 2.07
C VAL B 269 20.95 -25.86 2.26
N PRO B 270 21.36 -27.15 2.14
CA PRO B 270 22.77 -27.50 2.33
C PRO B 270 23.71 -26.79 1.35
N GLN B 271 23.33 -26.63 0.09
CA GLN B 271 24.26 -26.04 -0.86
C GLN B 271 24.37 -24.53 -0.65
N VAL B 272 23.25 -23.87 -0.33
CA VAL B 272 23.24 -22.45 0.00
C VAL B 272 24.06 -22.22 1.29
N ARG B 273 23.93 -23.11 2.27
CA ARG B 273 24.74 -22.94 3.47
C ARG B 273 26.22 -22.94 3.07
N ARG B 274 26.61 -23.88 2.19
CA ARG B 274 27.99 -24.07 1.74
CA ARG B 274 28.01 -24.03 1.81
C ARG B 274 28.53 -22.77 1.14
N ILE B 275 27.84 -22.28 0.11
CA ILE B 275 28.44 -21.21 -0.63
C ILE B 275 28.34 -19.92 0.20
N LEU B 276 27.34 -19.82 1.10
CA LEU B 276 27.18 -18.61 1.93
C LEU B 276 28.29 -18.56 2.94
N MET B 277 28.50 -19.68 3.64
CA MET B 277 29.46 -19.71 4.73
CA MET B 277 29.46 -19.65 4.73
C MET B 277 30.88 -19.55 4.18
N ASN B 278 31.12 -20.10 2.98
CA ASN B 278 32.44 -19.95 2.37
CA ASN B 278 32.41 -19.95 2.31
C ASN B 278 32.71 -18.46 2.11
N TYR B 279 31.67 -17.71 1.76
CA TYR B 279 31.86 -16.31 1.45
C TYR B 279 31.95 -15.48 2.75
N LEU B 280 31.05 -15.70 3.73
CA LEU B 280 31.01 -14.83 4.92
C LEU B 280 32.24 -15.00 5.79
N ASP B 281 32.79 -16.23 5.82
CA ASP B 281 33.94 -16.58 6.65
C ASP B 281 35.17 -15.71 6.29
N SER B 282 35.14 -15.00 5.16
CA SER B 282 36.24 -14.17 4.71
C SER B 282 36.18 -12.73 5.26
N PHE B 283 35.13 -12.39 6.02
CA PHE B 283 34.93 -11.08 6.63
C PHE B 283 35.26 -11.13 8.12
N ASP B 284 35.58 -9.96 8.69
CA ASP B 284 36.08 -9.93 10.06
C ASP B 284 34.98 -10.28 11.06
N VAL B 285 33.77 -9.77 10.83
CA VAL B 285 32.64 -9.98 11.72
C VAL B 285 31.51 -10.54 10.87
N GLY B 286 30.92 -11.64 11.33
CA GLY B 286 30.05 -12.38 10.45
C GLY B 286 29.38 -13.53 11.19
N PRO B 287 28.11 -13.79 10.83
CA PRO B 287 27.33 -14.86 11.45
C PRO B 287 27.76 -16.22 10.93
N VAL B 288 27.52 -17.23 11.75
CA VAL B 288 27.63 -18.63 11.34
C VAL B 288 26.23 -19.20 11.41
N PHE B 289 25.75 -19.79 10.31
CA PHE B 289 24.40 -20.30 10.27
C PHE B 289 24.44 -21.82 10.16
N SER B 290 23.65 -22.46 11.02
CA SER B 290 23.28 -23.86 10.86
C SER B 290 22.37 -24.04 9.66
N ASP B 291 22.16 -25.30 9.25
CA ASP B 291 21.16 -25.59 8.24
C ASP B 291 19.79 -25.01 8.63
N ALA B 292 19.43 -25.14 9.91
CA ALA B 292 18.12 -24.72 10.41
C ALA B 292 18.00 -23.20 10.30
N GLU B 293 19.11 -22.49 10.50
CA GLU B 293 19.09 -21.04 10.44
C GLU B 293 19.04 -20.56 8.98
N ILE B 294 19.77 -21.25 8.10
CA ILE B 294 19.68 -21.00 6.66
C ILE B 294 18.23 -21.16 6.22
N SER B 295 17.61 -22.28 6.61
CA SER B 295 16.20 -22.51 6.31
CA SER B 295 16.20 -22.51 6.30
C SER B 295 15.36 -21.32 6.76
N HIS B 296 15.57 -20.90 8.01
CA HIS B 296 14.71 -19.91 8.61
C HIS B 296 14.85 -18.57 7.89
N TYR B 297 16.11 -18.14 7.69
CA TYR B 297 16.34 -16.78 7.24
C TYR B 297 16.27 -16.68 5.72
N LEU B 298 16.37 -17.82 5.00
CA LEU B 298 16.49 -17.68 3.56
C LEU B 298 15.37 -18.34 2.74
N LEU B 299 14.65 -19.36 3.27
CA LEU B 299 13.59 -19.95 2.46
C LEU B 299 12.51 -18.90 2.25
N PRO B 300 11.98 -18.74 1.00
CA PRO B 300 10.99 -17.71 0.72
C PRO B 300 9.79 -17.74 1.66
N ARG B 301 9.42 -16.56 2.17
CA ARG B 301 8.20 -16.39 2.93
C ARG B 301 7.40 -15.21 2.40
N ASP B 302 6.13 -15.47 2.05
CA ASP B 302 5.34 -14.50 1.31
C ASP B 302 5.35 -13.17 2.06
N GLY B 303 5.64 -12.10 1.31
CA GLY B 303 5.61 -10.75 1.81
C GLY B 303 6.80 -10.40 2.72
N VAL B 304 7.75 -11.32 2.91
CA VAL B 304 8.73 -11.11 3.96
C VAL B 304 10.13 -11.27 3.37
N VAL B 305 10.43 -12.48 2.91
CA VAL B 305 11.76 -12.73 2.39
C VAL B 305 11.66 -13.49 1.07
N PHE B 306 12.55 -13.10 0.16
CA PHE B 306 12.53 -13.54 -1.22
C PHE B 306 13.93 -13.99 -1.60
N THR B 307 14.06 -15.28 -2.00
CA THR B 307 15.38 -15.83 -2.23
C THR B 307 15.40 -16.64 -3.53
N TYR B 308 16.45 -16.43 -4.36
CA TYR B 308 16.62 -17.02 -5.68
C TYR B 308 17.98 -17.73 -5.75
N VAL B 309 18.01 -18.88 -6.46
CA VAL B 309 19.26 -19.60 -6.62
C VAL B 309 19.52 -19.69 -8.13
N VAL B 310 20.80 -19.66 -8.50
CA VAL B 310 21.19 -20.06 -9.84
C VAL B 310 21.51 -21.54 -9.72
N GLU B 311 20.73 -22.37 -10.42
CA GLU B 311 20.98 -23.79 -10.33
C GLU B 311 20.99 -24.33 -11.76
N ASN B 312 22.04 -25.09 -12.07
CA ASN B 312 22.01 -25.86 -13.31
C ASN B 312 22.41 -27.29 -12.95
N ASP B 313 21.63 -28.25 -13.44
CA ASP B 313 21.88 -29.67 -13.21
C ASP B 313 21.91 -30.01 -11.72
N LYS B 314 21.04 -29.38 -10.93
CA LYS B 314 20.86 -29.67 -9.51
C LYS B 314 22.02 -29.16 -8.65
N LYS B 315 22.94 -28.40 -9.25
CA LYS B 315 24.01 -27.77 -8.48
CA LYS B 315 24.01 -27.77 -8.48
C LYS B 315 23.76 -26.26 -8.39
N VAL B 316 23.65 -25.77 -7.15
CA VAL B 316 23.42 -24.35 -6.84
C VAL B 316 24.79 -23.68 -6.78
N THR B 317 25.02 -22.68 -7.64
CA THR B 317 26.33 -22.06 -7.72
C THR B 317 26.26 -20.61 -7.23
N ASP B 318 25.05 -20.06 -7.04
CA ASP B 318 24.91 -18.65 -6.71
C ASP B 318 23.53 -18.46 -6.10
N PHE B 319 23.35 -17.45 -5.23
CA PHE B 319 22.02 -17.13 -4.77
C PHE B 319 21.99 -15.67 -4.33
N PHE B 320 20.79 -15.11 -4.24
CA PHE B 320 20.61 -13.83 -3.59
C PHE B 320 19.29 -13.84 -2.82
N SER B 321 19.19 -12.96 -1.81
CA SER B 321 18.02 -12.83 -0.95
C SER B 321 17.74 -11.35 -0.75
N PHE B 322 16.45 -10.99 -0.65
CA PHE B 322 16.08 -9.68 -0.14
C PHE B 322 14.84 -9.79 0.75
N TYR B 323 14.64 -8.81 1.64
CA TYR B 323 13.46 -8.84 2.52
C TYR B 323 12.72 -7.51 2.34
N ARG B 324 11.45 -7.48 2.70
CA ARG B 324 10.59 -6.34 2.45
C ARG B 324 10.34 -5.65 3.78
N ILE B 325 10.55 -4.34 3.83
CA ILE B 325 10.02 -3.53 4.92
C ILE B 325 9.37 -2.36 4.19
N PRO B 326 8.02 -2.23 4.24
CA PRO B 326 7.32 -1.04 3.75
C PRO B 326 7.55 0.06 4.75
N SER B 327 7.69 1.27 4.22
CA SER B 327 7.70 2.42 5.11
C SER B 327 6.39 3.18 4.95
N THR B 328 5.79 3.58 6.07
CA THR B 328 4.64 4.51 6.07
C THR B 328 5.08 5.85 5.51
N VAL B 329 4.32 6.36 4.54
CA VAL B 329 4.58 7.71 4.06
C VAL B 329 3.79 8.67 4.97
N ILE B 330 4.51 9.36 5.87
CA ILE B 330 3.84 10.07 6.95
C ILE B 330 2.99 11.19 6.36
N GLY B 331 1.71 11.22 6.76
CA GLY B 331 0.77 12.29 6.44
C GLY B 331 0.14 12.17 5.05
N ASN B 332 0.30 11.01 4.39
CA ASN B 332 -0.10 10.82 3.01
C ASN B 332 -0.97 9.57 2.90
N SER B 333 -2.30 9.74 3.02
CA SER B 333 -3.29 8.67 2.99
C SER B 333 -3.19 7.82 1.72
N ASN B 334 -3.22 8.50 0.56
CA ASN B 334 -3.50 7.94 -0.76
C ASN B 334 -2.31 7.19 -1.36
N TYR B 335 -1.09 7.71 -1.11
CA TYR B 335 0.14 7.07 -1.54
C TYR B 335 0.96 6.73 -0.30
N ASN B 336 0.39 5.89 0.57
CA ASN B 336 0.75 5.90 1.98
C ASN B 336 1.91 4.96 2.31
N LEU B 337 2.47 4.27 1.30
CA LEU B 337 3.43 3.21 1.59
C LEU B 337 4.57 3.18 0.56
N LEU B 338 5.83 3.17 1.05
CA LEU B 338 7.02 2.99 0.24
C LEU B 338 7.37 1.51 0.29
N ASN B 339 7.37 0.80 -0.85
CA ASN B 339 7.62 -0.65 -0.76
C ASN B 339 9.10 -0.88 -1.07
N ALA B 340 9.86 -1.20 -0.01
CA ALA B 340 11.32 -1.16 -0.14
C ALA B 340 11.85 -2.58 0.01
N ALA B 341 12.72 -2.98 -0.90
CA ALA B 341 13.40 -4.26 -0.86
C ALA B 341 14.82 -4.02 -0.31
N TYR B 342 15.22 -4.82 0.71
CA TYR B 342 16.53 -4.66 1.35
C TYR B 342 17.40 -5.84 0.95
N VAL B 343 18.60 -5.54 0.45
CA VAL B 343 19.52 -6.57 0.05
C VAL B 343 19.91 -7.36 1.29
N HIS B 344 19.73 -8.70 1.26
CA HIS B 344 20.01 -9.58 2.38
C HIS B 344 21.33 -10.29 2.08
N TYR B 345 21.40 -11.58 2.40
CA TYR B 345 22.58 -12.37 2.06
C TYR B 345 22.58 -12.80 0.59
N TYR B 346 23.81 -13.08 0.09
CA TYR B 346 24.05 -13.52 -1.27
C TYR B 346 25.41 -14.21 -1.35
N ALA B 347 25.64 -14.93 -2.47
CA ALA B 347 26.94 -15.48 -2.81
C ALA B 347 27.00 -15.74 -4.31
N ALA B 348 28.09 -15.28 -4.94
CA ALA B 348 28.29 -15.43 -6.37
C ALA B 348 29.57 -16.24 -6.56
N THR B 349 29.47 -17.34 -7.30
CA THR B 349 30.65 -18.16 -7.63
C THR B 349 30.77 -18.31 -9.14
N SER B 350 29.66 -18.21 -9.89
CA SER B 350 29.65 -18.54 -11.32
C SER B 350 29.51 -17.31 -12.23
N ILE B 351 29.06 -16.17 -11.69
CA ILE B 351 28.79 -14.96 -12.45
C ILE B 351 29.30 -13.77 -11.64
N PRO B 352 29.70 -12.61 -12.25
CA PRO B 352 30.09 -11.44 -11.45
C PRO B 352 28.95 -11.01 -10.53
N LEU B 353 29.27 -10.50 -9.34
CA LEU B 353 28.29 -10.08 -8.36
CA LEU B 353 28.28 -10.09 -8.36
C LEU B 353 27.30 -9.10 -8.99
N HIS B 354 27.82 -8.22 -9.86
CA HIS B 354 26.93 -7.19 -10.36
C HIS B 354 25.84 -7.81 -11.24
N GLN B 355 26.15 -8.92 -11.90
CA GLN B 355 25.15 -9.58 -12.73
C GLN B 355 24.15 -10.30 -11.82
N LEU B 356 24.63 -10.82 -10.69
CA LEU B 356 23.71 -11.46 -9.77
C LEU B 356 22.74 -10.43 -9.20
N ILE B 357 23.26 -9.26 -8.79
CA ILE B 357 22.43 -8.25 -8.15
C ILE B 357 21.52 -7.53 -9.16
N LEU B 358 21.92 -7.41 -10.44
CA LEU B 358 20.98 -6.89 -11.43
C LEU B 358 19.75 -7.77 -11.41
N ASP B 359 19.97 -9.08 -11.31
CA ASP B 359 18.79 -9.93 -11.31
C ASP B 359 17.92 -9.70 -10.08
N LEU B 360 18.53 -9.33 -8.93
CA LEU B 360 17.76 -9.01 -7.74
C LEU B 360 16.88 -7.79 -8.01
N LEU B 361 17.48 -6.72 -8.60
CA LEU B 361 16.69 -5.53 -8.91
C LEU B 361 15.54 -5.87 -9.88
N ILE B 362 15.85 -6.69 -10.88
CA ILE B 362 14.84 -7.12 -11.84
C ILE B 362 13.67 -7.84 -11.14
N VAL B 363 13.95 -8.86 -10.31
CA VAL B 363 12.92 -9.57 -9.55
C VAL B 363 12.10 -8.64 -8.64
N ALA B 364 12.78 -7.83 -7.82
CA ALA B 364 12.10 -6.84 -7.00
C ALA B 364 11.22 -5.91 -7.81
N HIS B 365 11.76 -5.33 -8.89
CA HIS B 365 10.96 -4.41 -9.69
C HIS B 365 9.69 -5.12 -10.21
N SER B 366 9.84 -6.36 -10.66
CA SER B 366 8.71 -7.09 -11.22
CA SER B 366 8.71 -7.10 -11.22
C SER B 366 7.61 -7.28 -10.18
N ARG B 367 8.01 -7.45 -8.90
CA ARG B 367 7.08 -7.71 -7.80
C ARG B 367 6.52 -6.42 -7.22
N GLY B 368 6.82 -5.30 -7.87
CA GLY B 368 6.19 -4.05 -7.48
C GLY B 368 6.92 -3.32 -6.36
N PHE B 369 8.20 -3.61 -6.12
CA PHE B 369 8.93 -2.78 -5.17
C PHE B 369 9.31 -1.43 -5.78
N ASP B 370 9.37 -0.39 -4.93
CA ASP B 370 9.65 0.98 -5.33
C ASP B 370 11.14 1.30 -5.34
N VAL B 371 11.88 0.66 -4.45
CA VAL B 371 13.29 1.02 -4.30
C VAL B 371 13.97 -0.20 -3.68
N CYS B 372 15.27 -0.36 -3.99
CA CYS B 372 16.10 -1.35 -3.32
C CYS B 372 17.14 -0.64 -2.44
N ASN B 373 17.17 -1.01 -1.14
CA ASN B 373 18.05 -0.36 -0.19
C ASN B 373 19.13 -1.33 0.28
N MET B 374 20.28 -0.78 0.68
CA MET B 374 21.28 -1.60 1.37
C MET B 374 22.25 -0.67 2.11
N VAL B 375 23.06 -1.27 2.97
CA VAL B 375 24.17 -0.58 3.70
C VAL B 375 25.44 -1.00 2.96
N GLU B 376 26.53 -0.25 3.03
CA GLU B 376 27.77 -0.66 2.32
C GLU B 376 28.59 -1.72 3.09
N ILE B 377 27.97 -2.79 3.57
CA ILE B 377 28.63 -3.98 4.18
C ILE B 377 28.83 -5.01 3.05
N LEU B 378 29.44 -6.15 3.40
CA LEU B 378 29.74 -7.21 2.41
C LEU B 378 30.50 -6.60 1.21
N ASP B 379 30.16 -7.04 0.00
CA ASP B 379 30.80 -6.48 -1.18
C ASP B 379 29.81 -5.51 -1.86
N ASN B 380 28.96 -4.87 -1.07
CA ASN B 380 27.87 -4.06 -1.63
C ASN B 380 28.40 -2.82 -2.38
N ARG B 381 29.59 -2.30 -1.98
CA ARG B 381 30.14 -1.18 -2.76
C ARG B 381 30.51 -1.57 -4.20
N SER B 382 30.76 -2.86 -4.47
CA SER B 382 31.34 -3.21 -5.76
C SER B 382 30.37 -3.03 -6.93
N PHE B 383 29.05 -2.94 -6.66
CA PHE B 383 28.09 -2.86 -7.74
C PHE B 383 27.27 -1.57 -7.68
N VAL B 384 27.58 -0.65 -6.76
CA VAL B 384 26.92 0.66 -6.63
C VAL B 384 26.87 1.41 -7.98
N GLU B 385 28.00 1.54 -8.63
CA GLU B 385 27.97 2.53 -9.70
C GLU B 385 27.27 1.99 -10.94
N GLN B 386 27.60 0.76 -11.29
CA GLN B 386 27.07 0.21 -12.50
C GLN B 386 25.56 0.00 -12.36
N LEU B 387 25.10 -0.35 -11.15
CA LEU B 387 23.69 -0.65 -10.93
CA LEU B 387 23.70 -0.67 -10.89
C LEU B 387 22.92 0.58 -10.48
N LYS B 388 23.56 1.74 -10.53
CA LYS B 388 22.87 3.02 -10.33
C LYS B 388 22.30 3.15 -8.90
N PHE B 389 23.03 2.63 -7.89
CA PHE B 389 22.72 3.00 -6.51
C PHE B 389 23.18 4.41 -6.17
N GLY B 390 22.46 5.09 -5.30
CA GLY B 390 22.99 6.35 -4.80
C GLY B 390 23.09 6.34 -3.28
N ALA B 391 24.07 7.05 -2.72
CA ALA B 391 24.16 7.14 -1.26
C ALA B 391 22.96 7.91 -0.75
N GLY B 392 22.37 7.44 0.37
CA GLY B 392 21.25 8.09 1.04
C GLY B 392 21.70 8.97 2.20
N ASP B 393 20.76 9.52 2.97
CA ASP B 393 21.11 10.60 3.88
C ASP B 393 21.52 10.10 5.27
N GLY B 394 21.63 8.79 5.46
CA GLY B 394 21.91 8.27 6.79
C GLY B 394 23.05 7.27 6.83
N HIS B 395 23.36 6.80 8.05
CA HIS B 395 24.43 5.84 8.26
C HIS B 395 23.93 4.80 9.25
N LEU B 396 24.25 3.52 9.02
CA LEU B 396 23.95 2.47 9.99
C LEU B 396 25.24 2.17 10.76
N ARG B 397 25.21 2.33 12.09
CA ARG B 397 26.39 2.13 12.91
C ARG B 397 26.23 0.76 13.58
N TYR B 398 27.35 0.03 13.74
CA TYR B 398 27.37 -1.31 14.32
C TYR B 398 28.12 -1.26 15.66
N TYR B 399 27.51 -1.87 16.69
CA TYR B 399 27.98 -1.79 18.08
C TYR B 399 28.05 -3.18 18.68
N PHE B 400 28.95 -3.36 19.64
CA PHE B 400 28.89 -4.48 20.56
C PHE B 400 28.64 -3.91 21.95
N TYR B 401 27.94 -4.72 22.75
CA TYR B 401 27.86 -4.55 24.19
C TYR B 401 28.82 -5.52 24.89
N ASN B 402 29.64 -4.99 25.79
CA ASN B 402 30.61 -5.77 26.57
C ASN B 402 31.61 -6.48 25.66
N TRP B 403 32.12 -5.79 24.63
CA TRP B 403 33.11 -6.39 23.76
C TRP B 403 33.99 -5.30 23.19
N ALA B 404 35.29 -5.40 23.46
CA ALA B 404 36.22 -4.42 22.90
C ALA B 404 36.55 -4.90 21.49
N TYR B 405 36.50 -4.02 20.48
CA TYR B 405 36.74 -4.43 19.10
C TYR B 405 37.46 -3.29 18.35
N PRO B 406 38.58 -3.58 17.66
CA PRO B 406 39.32 -2.56 16.88
C PRO B 406 38.37 -2.00 15.82
N LYS B 407 38.45 -0.70 15.59
CA LYS B 407 37.70 -0.18 14.40
CA LYS B 407 37.71 -0.17 14.39
C LYS B 407 37.97 -0.93 13.03
N ILE B 408 36.86 -1.26 12.36
CA ILE B 408 36.95 -1.93 11.08
C ILE B 408 36.11 -1.14 10.08
N LYS B 409 36.42 -1.30 8.78
CA LYS B 409 35.60 -0.74 7.70
C LYS B 409 34.30 -1.53 7.59
N PRO B 410 33.20 -0.87 7.14
CA PRO B 410 31.94 -1.60 6.95
C PRO B 410 32.08 -2.76 5.95
N SER B 411 33.07 -2.69 5.02
CA SER B 411 33.33 -3.77 4.06
C SER B 411 33.94 -4.99 4.76
N GLN B 412 34.24 -4.88 6.06
CA GLN B 412 34.68 -6.02 6.84
C GLN B 412 33.54 -6.62 7.68
N VAL B 413 32.29 -6.17 7.48
CA VAL B 413 31.13 -6.59 8.27
C VAL B 413 30.23 -7.44 7.36
N ALA B 414 29.87 -8.65 7.83
CA ALA B 414 29.05 -9.57 7.04
C ALA B 414 27.72 -9.89 7.73
N LEU B 415 27.39 -9.16 8.81
CA LEU B 415 26.14 -9.39 9.50
C LEU B 415 25.11 -8.41 8.94
N VAL B 416 24.02 -8.94 8.38
CA VAL B 416 22.89 -8.11 7.99
C VAL B 416 21.94 -8.02 9.18
N MET B 417 21.57 -6.79 9.61
CA MET B 417 20.61 -6.66 10.70
C MET B 417 19.31 -6.09 10.18
N LEU B 418 18.20 -6.71 10.57
CA LEU B 418 16.86 -6.45 10.03
C LEU B 418 16.29 -5.15 10.62
#